data_4LAN
#
_entry.id   4LAN
#
_cell.length_a   144.920
_cell.length_b   56.440
_cell.length_c   105.704
_cell.angle_alpha   90.000
_cell.angle_beta   105.410
_cell.angle_gamma   90.000
#
_symmetry.space_group_name_H-M   'C 1 2 1'
#
loop_
_entity.id
_entity.type
_entity.pdbx_description
1 polymer 'Uracil-5-carboxylate decarboxylase'
2 non-polymer 'ZINC ION'
3 water water
#
_entity_poly.entity_id   1
_entity_poly.type   'polypeptide(L)'
_entity_poly.pdbx_seq_one_letter_code
;MAASTPVVVDIHTHMYPPSYIAMLEKRQTIPLVRTFPQADEPRLILLSSELAALDAALADPAAKLPGRPLSTHFASLAQK
MHFMDTNGIRVSVISLANPWFDFLAPDEAPGIADAVNAEFSDMCAQHVGRLFFFAALPLSAPVDAVKASIERVKNLKYCR
GIILGTSGLGKGLDDPHLLPVFEAVADAKLLVFLAPHYGLPNEVYGPRSEEYGHVLPLALGFPMETTIAVARMYMAGVFD
HVRNLQMLLAHSGGTLPFLAGRIESCIVHDGHLVKTGKVPKDRRTIWTVLKEQIYLDAVIYSEVGLQAAIASSGADRLMF
GTDHPFFPPIEEDVQGPWDSSRLNAQAVIKAVGEGSSDAAAVMGLNAVRVLSLKAE
;
_entity_poly.pdbx_strand_id   A,B
#
loop_
_chem_comp.id
_chem_comp.type
_chem_comp.name
_chem_comp.formula
ZN non-polymer 'ZINC ION' 'Zn 2'
#
# COMPACT_ATOMS: atom_id res chain seq x y z
N THR A 5 -35.47 -2.40 3.89
CA THR A 5 -35.79 -3.13 2.61
C THR A 5 -34.72 -4.17 2.23
N PRO A 6 -34.14 -4.88 3.22
CA PRO A 6 -32.83 -5.53 3.02
C PRO A 6 -32.76 -6.56 1.89
N VAL A 7 -32.33 -6.09 0.72
CA VAL A 7 -31.93 -6.94 -0.40
C VAL A 7 -30.40 -6.98 -0.39
N VAL A 8 -29.81 -8.15 -0.66
CA VAL A 8 -28.34 -8.27 -0.74
C VAL A 8 -27.89 -8.12 -2.18
N VAL A 9 -27.02 -7.14 -2.42
CA VAL A 9 -26.46 -6.88 -3.74
C VAL A 9 -24.95 -7.07 -3.72
N ASP A 10 -24.44 -7.77 -4.74
CA ASP A 10 -23.01 -7.97 -4.93
C ASP A 10 -22.55 -7.12 -6.11
N ILE A 11 -21.71 -6.11 -5.85
CA ILE A 11 -21.24 -5.21 -6.93
C ILE A 11 -19.82 -5.51 -7.42
N HIS A 12 -19.21 -6.57 -6.89
CA HIS A 12 -17.85 -6.95 -7.27
C HIS A 12 -17.82 -8.44 -7.62
N THR A 13 -18.16 -8.74 -8.87
CA THR A 13 -18.37 -10.12 -9.29
C THR A 13 -18.19 -10.20 -10.80
N HIS A 14 -17.39 -11.18 -11.24
CA HIS A 14 -16.84 -11.16 -12.60
C HIS A 14 -17.23 -12.36 -13.46
N MET A 15 -17.19 -12.16 -14.77
CA MET A 15 -17.41 -13.24 -15.74
C MET A 15 -16.57 -13.04 -16.99
N TYR A 16 -16.26 -14.14 -17.68
CA TYR A 16 -15.82 -14.10 -19.07
C TYR A 16 -16.94 -14.71 -19.91
N PRO A 17 -17.67 -13.89 -20.70
CA PRO A 17 -18.78 -14.42 -21.49
C PRO A 17 -18.30 -15.20 -22.73
N PRO A 18 -19.21 -15.97 -23.36
CA PRO A 18 -18.86 -16.80 -24.53
C PRO A 18 -18.13 -16.05 -25.65
N SER A 19 -18.64 -14.88 -26.02
CA SER A 19 -18.04 -14.07 -27.09
C SER A 19 -16.60 -13.65 -26.77
N TYR A 20 -16.35 -13.34 -25.49
CA TYR A 20 -15.01 -12.97 -25.04
C TYR A 20 -14.06 -14.16 -25.10
N ILE A 21 -14.53 -15.31 -24.63
CA ILE A 21 -13.72 -16.53 -24.64
C ILE A 21 -13.39 -16.96 -26.07
N ALA A 22 -14.39 -16.90 -26.95
CA ALA A 22 -14.21 -17.26 -28.37
C ALA A 22 -13.20 -16.33 -29.04
N MET A 23 -13.26 -15.04 -28.69
CA MET A 23 -12.29 -14.06 -29.18
C MET A 23 -10.87 -14.41 -28.73
N LEU A 24 -10.73 -14.80 -27.46
CA LEU A 24 -9.42 -15.20 -26.92
C LEU A 24 -8.90 -16.49 -27.54
N GLU A 25 -9.82 -17.38 -27.93
CA GLU A 25 -9.44 -18.65 -28.56
C GLU A 25 -8.84 -18.42 -29.96
N LYS A 26 -9.31 -17.38 -30.63
CA LYS A 26 -8.82 -17.02 -31.96
C LYS A 26 -7.44 -16.33 -31.94
N ARG A 27 -7.05 -15.81 -30.77
CA ARG A 27 -5.77 -15.09 -30.64
C ARG A 27 -4.56 -16.03 -30.73
N GLN A 28 -3.46 -15.48 -31.25
CA GLN A 28 -2.20 -16.21 -31.38
C GLN A 28 -1.08 -15.64 -30.49
N THR A 29 -1.36 -14.50 -29.86
CA THR A 29 -0.44 -13.89 -28.89
C THR A 29 -1.20 -13.53 -27.62
N ILE A 30 -0.46 -13.41 -26.50
CA ILE A 30 -1.08 -13.21 -25.19
C ILE A 30 -1.83 -11.87 -25.06
N PRO A 31 -2.96 -11.88 -24.32
CA PRO A 31 -3.58 -13.03 -23.67
C PRO A 31 -4.34 -13.90 -24.68
N LEU A 32 -4.48 -15.18 -24.38
CA LEU A 32 -5.19 -16.11 -25.27
C LEU A 32 -5.64 -17.37 -24.53
N VAL A 33 -6.49 -18.16 -25.18
CA VAL A 33 -7.07 -19.36 -24.58
C VAL A 33 -6.83 -20.60 -25.45
N ARG A 34 -6.35 -21.67 -24.82
CA ARG A 34 -6.13 -22.95 -25.48
C ARG A 34 -6.99 -24.04 -24.82
N THR A 35 -7.57 -24.91 -25.65
CA THR A 35 -8.31 -26.07 -25.18
C THR A 35 -7.47 -27.32 -25.40
N PHE A 36 -7.00 -27.91 -24.31
CA PHE A 36 -6.21 -29.14 -24.38
C PHE A 36 -7.15 -30.36 -24.41
N PRO A 37 -6.73 -31.43 -25.11
CA PRO A 37 -7.56 -32.66 -25.15
C PRO A 37 -7.59 -33.43 -23.82
N GLN A 38 -6.68 -33.10 -22.92
CA GLN A 38 -6.56 -33.78 -21.64
C GLN A 38 -7.60 -33.23 -20.66
N ALA A 39 -7.74 -31.90 -20.66
CA ALA A 39 -8.56 -31.20 -19.68
C ALA A 39 -9.95 -30.84 -20.22
N ASP A 40 -10.92 -30.79 -19.31
CA ASP A 40 -12.31 -30.50 -19.66
C ASP A 40 -12.61 -28.99 -19.74
N GLU A 41 -11.69 -28.17 -19.21
CA GLU A 41 -11.86 -26.71 -19.20
C GLU A 41 -10.70 -26.05 -19.95
N PRO A 42 -11.00 -25.01 -20.76
CA PRO A 42 -9.92 -24.27 -21.43
C PRO A 42 -8.96 -23.60 -20.46
N ARG A 43 -7.78 -23.25 -20.96
CA ARG A 43 -6.76 -22.57 -20.17
C ARG A 43 -6.60 -21.14 -20.63
N LEU A 44 -6.77 -20.20 -19.70
CA LEU A 44 -6.54 -18.79 -19.97
C LEU A 44 -5.09 -18.47 -19.67
N ILE A 45 -4.37 -17.93 -20.65
CA ILE A 45 -2.99 -17.54 -20.44
C ILE A 45 -2.78 -16.06 -20.78
N LEU A 46 -2.33 -15.30 -19.78
CA LEU A 46 -2.24 -13.84 -19.85
C LEU A 46 -0.81 -13.34 -19.94
N LEU A 47 0.02 -13.81 -19.01
CA LEU A 47 1.40 -13.35 -18.88
C LEU A 47 2.33 -14.18 -19.76
N SER A 48 3.32 -13.52 -20.35
CA SER A 48 4.32 -14.20 -21.18
C SER A 48 5.26 -15.07 -20.36
N SER A 49 5.17 -14.94 -19.04
CA SER A 49 5.96 -15.74 -18.09
C SER A 49 5.54 -17.21 -18.05
N GLU A 50 4.44 -17.55 -18.72
CA GLU A 50 3.89 -18.91 -18.70
C GLU A 50 3.54 -19.46 -20.10
N LEU A 51 3.61 -18.61 -21.12
CA LEU A 51 3.53 -19.04 -22.53
C LEU A 51 4.58 -20.14 -22.79
N ALA A 52 5.67 -20.10 -22.05
CA ALA A 52 6.68 -21.15 -22.07
C ALA A 52 6.15 -22.47 -21.50
N ALA A 53 5.45 -22.41 -20.37
CA ALA A 53 4.84 -23.60 -19.76
C ALA A 53 3.81 -24.24 -20.69
N LEU A 54 3.19 -23.44 -21.55
CA LEU A 54 2.33 -23.95 -22.61
C LEU A 54 3.12 -24.85 -23.55
N ASP A 55 4.26 -24.35 -24.05
CA ASP A 55 5.12 -25.12 -24.95
C ASP A 55 5.60 -26.43 -24.32
N ALA A 56 5.85 -26.40 -23.01
CA ALA A 56 6.19 -27.60 -22.27
C ALA A 56 5.02 -28.59 -22.31
N ALA A 57 3.85 -28.14 -21.86
CA ALA A 57 2.64 -28.96 -21.86
C ALA A 57 2.19 -29.37 -23.27
N LEU A 58 2.46 -28.51 -24.26
CA LEU A 58 2.09 -28.80 -25.64
C LEU A 58 2.96 -29.91 -26.24
N ALA A 59 4.19 -30.04 -25.73
CA ALA A 59 5.13 -31.08 -26.18
C ALA A 59 5.23 -32.21 -25.16
N ASP A 60 5.53 -31.83 -23.92
CA ASP A 60 5.55 -32.76 -22.78
C ASP A 60 4.35 -32.46 -21.86
N PRO A 61 3.17 -33.01 -22.17
CA PRO A 61 1.98 -32.73 -21.35
C PRO A 61 2.04 -33.21 -19.90
N ALA A 62 3.10 -33.93 -19.56
CA ALA A 62 3.39 -34.32 -18.17
C ALA A 62 3.67 -33.09 -17.30
N ALA A 63 4.14 -32.02 -17.94
CA ALA A 63 4.32 -30.74 -17.26
C ALA A 63 2.96 -30.19 -16.81
N LYS A 64 3.01 -29.29 -15.84
CA LYS A 64 1.80 -28.72 -15.26
C LYS A 64 1.05 -27.89 -16.30
N LEU A 65 -0.28 -27.95 -16.27
CA LEU A 65 -1.11 -27.23 -17.24
C LEU A 65 -1.02 -25.73 -16.93
N PRO A 66 -0.75 -24.91 -17.97
CA PRO A 66 -0.38 -23.51 -17.75
C PRO A 66 -1.56 -22.59 -17.46
N GLY A 67 -1.24 -21.41 -16.91
CA GLY A 67 -2.23 -20.36 -16.70
C GLY A 67 -3.36 -20.73 -15.76
N ARG A 68 -4.50 -20.07 -15.97
CA ARG A 68 -5.69 -20.26 -15.13
C ARG A 68 -6.74 -21.10 -15.86
N PRO A 69 -7.39 -22.02 -15.14
CA PRO A 69 -8.50 -22.78 -15.75
C PRO A 69 -9.75 -21.93 -15.97
N LEU A 70 -10.25 -21.90 -17.20
CA LEU A 70 -11.45 -21.15 -17.54
C LEU A 70 -12.67 -21.95 -17.09
N SER A 71 -12.96 -21.88 -15.80
CA SER A 71 -13.96 -22.75 -15.19
C SER A 71 -15.39 -22.26 -15.42
N THR A 72 -16.33 -23.14 -15.10
CA THR A 72 -17.75 -22.80 -15.01
C THR A 72 -18.00 -21.53 -14.18
N HIS A 73 -17.17 -21.33 -13.16
CA HIS A 73 -17.34 -20.22 -12.23
C HIS A 73 -17.07 -18.87 -12.89
N PHE A 74 -16.26 -18.87 -13.94
CA PHE A 74 -16.01 -17.68 -14.77
C PHE A 74 -17.00 -17.54 -15.94
N ALA A 75 -17.35 -18.66 -16.56
CA ALA A 75 -17.99 -18.66 -17.87
C ALA A 75 -19.50 -18.92 -17.88
N SER A 76 -20.01 -19.55 -16.83
CA SER A 76 -21.39 -20.03 -16.81
C SER A 76 -22.34 -19.09 -16.05
N LEU A 77 -23.35 -18.61 -16.75
CA LEU A 77 -24.39 -17.78 -16.12
C LEU A 77 -25.18 -18.60 -15.10
N ALA A 78 -25.49 -19.85 -15.44
CA ALA A 78 -26.19 -20.74 -14.52
C ALA A 78 -25.36 -20.94 -13.24
N GLN A 79 -24.04 -21.04 -13.40
CA GLN A 79 -23.16 -21.15 -12.24
C GLN A 79 -23.18 -19.89 -11.38
N LYS A 80 -23.19 -18.71 -12.02
CA LYS A 80 -23.30 -17.45 -11.30
C LYS A 80 -24.57 -17.40 -10.45
N MET A 81 -25.69 -17.79 -11.05
CA MET A 81 -26.97 -17.79 -10.34
C MET A 81 -26.96 -18.79 -9.19
N HIS A 82 -26.31 -19.93 -9.39
CA HIS A 82 -26.15 -20.91 -8.31
C HIS A 82 -25.36 -20.32 -7.14
N PHE A 83 -24.25 -19.66 -7.46
CA PHE A 83 -23.44 -18.98 -6.44
C PHE A 83 -24.29 -17.99 -5.64
N MET A 84 -25.09 -17.19 -6.35
CA MET A 84 -25.97 -16.21 -5.71
C MET A 84 -26.98 -16.89 -4.80
N ASP A 85 -27.64 -17.93 -5.30
CA ASP A 85 -28.67 -18.65 -4.55
C ASP A 85 -28.14 -19.37 -3.31
N THR A 86 -26.88 -19.81 -3.35
CA THR A 86 -26.29 -20.56 -2.23
C THR A 86 -25.43 -19.69 -1.30
N ASN A 87 -25.30 -18.40 -1.62
CA ASN A 87 -24.60 -17.45 -0.74
C ASN A 87 -25.46 -16.25 -0.35
N GLY A 88 -26.77 -16.37 -0.50
CA GLY A 88 -27.72 -15.36 -0.03
C GLY A 88 -27.70 -14.03 -0.75
N ILE A 89 -27.38 -14.06 -2.04
CA ILE A 89 -27.29 -12.84 -2.85
C ILE A 89 -28.48 -12.76 -3.80
N ARG A 90 -29.20 -11.63 -3.76
CA ARG A 90 -30.38 -11.45 -4.59
C ARG A 90 -30.01 -10.86 -5.95
N VAL A 91 -29.13 -9.87 -5.95
CA VAL A 91 -28.75 -9.14 -7.15
C VAL A 91 -27.23 -9.11 -7.30
N SER A 92 -26.76 -9.33 -8.52
CA SER A 92 -25.34 -9.14 -8.85
C SER A 92 -25.21 -8.08 -9.94
N VAL A 93 -24.24 -7.20 -9.77
CA VAL A 93 -23.83 -6.29 -10.84
C VAL A 93 -22.53 -6.85 -11.38
N ILE A 94 -22.65 -7.64 -12.45
CA ILE A 94 -21.51 -8.38 -12.99
C ILE A 94 -20.65 -7.49 -13.90
N SER A 95 -19.39 -7.86 -14.05
CA SER A 95 -18.48 -7.12 -14.90
C SER A 95 -17.48 -8.07 -15.54
N LEU A 96 -17.01 -7.70 -16.71
CA LEU A 96 -15.93 -8.43 -17.37
C LEU A 96 -14.71 -8.44 -16.47
N ALA A 97 -14.03 -9.60 -16.39
CA ALA A 97 -12.84 -9.73 -15.58
C ALA A 97 -11.63 -9.15 -16.31
N ASN A 98 -10.59 -8.83 -15.55
CA ASN A 98 -9.29 -8.48 -16.11
C ASN A 98 -8.83 -9.55 -17.09
N PRO A 99 -8.13 -9.16 -18.19
CA PRO A 99 -7.63 -7.84 -18.56
C PRO A 99 -8.55 -7.02 -19.47
N TRP A 100 -9.84 -7.32 -19.50
CA TRP A 100 -10.82 -6.50 -20.24
C TRP A 100 -10.47 -6.42 -21.74
N PHE A 101 -10.44 -5.21 -22.30
CA PHE A 101 -10.11 -5.01 -23.71
C PHE A 101 -8.78 -4.27 -23.89
N ASP A 102 -7.99 -4.17 -22.83
CA ASP A 102 -6.77 -3.35 -22.80
C ASP A 102 -5.74 -3.71 -23.88
N PHE A 103 -5.73 -5.00 -24.25
CA PHE A 103 -4.72 -5.56 -25.14
C PHE A 103 -5.11 -5.57 -26.62
N LEU A 104 -6.35 -5.24 -26.92
CA LEU A 104 -6.87 -5.34 -28.29
C LEU A 104 -6.27 -4.27 -29.20
N ALA A 105 -6.12 -4.60 -30.48
CA ALA A 105 -5.67 -3.63 -31.48
C ALA A 105 -6.74 -2.54 -31.62
N PRO A 106 -6.30 -1.28 -31.85
CA PRO A 106 -7.25 -0.16 -31.94
C PRO A 106 -8.42 -0.35 -32.90
N ASP A 107 -8.16 -0.91 -34.08
CA ASP A 107 -9.18 -1.08 -35.11
C ASP A 107 -10.25 -2.13 -34.76
N GLU A 108 -9.83 -3.21 -34.11
CA GLU A 108 -10.73 -4.30 -33.74
C GLU A 108 -11.50 -4.06 -32.44
N ALA A 109 -10.98 -3.19 -31.59
CA ALA A 109 -11.47 -3.05 -30.21
C ALA A 109 -12.94 -2.64 -30.09
N PRO A 110 -13.38 -1.58 -30.79
CA PRO A 110 -14.77 -1.15 -30.64
C PRO A 110 -15.81 -2.22 -31.01
N GLY A 111 -15.54 -2.96 -32.08
CA GLY A 111 -16.44 -4.03 -32.52
C GLY A 111 -16.52 -5.18 -31.52
N ILE A 112 -15.38 -5.55 -30.97
CA ILE A 112 -15.33 -6.60 -29.96
C ILE A 112 -16.02 -6.15 -28.66
N ALA A 113 -15.74 -4.92 -28.24
CA ALA A 113 -16.39 -4.35 -27.06
C ALA A 113 -17.91 -4.33 -27.23
N ASP A 114 -18.37 -3.98 -28.42
CA ASP A 114 -19.81 -3.98 -28.74
C ASP A 114 -20.43 -5.36 -28.55
N ALA A 115 -19.79 -6.38 -29.09
CA ALA A 115 -20.31 -7.75 -29.01
C ALA A 115 -20.34 -8.27 -27.58
N VAL A 116 -19.28 -8.00 -26.83
CA VAL A 116 -19.17 -8.48 -25.46
C VAL A 116 -20.16 -7.78 -24.54
N ASN A 117 -20.24 -6.45 -24.65
CA ASN A 117 -21.21 -5.68 -23.88
C ASN A 117 -22.65 -6.05 -24.22
N ALA A 118 -22.91 -6.31 -25.50
CA ALA A 118 -24.22 -6.82 -25.94
C ALA A 118 -24.55 -8.13 -25.24
N GLU A 119 -23.57 -9.02 -25.14
CA GLU A 119 -23.80 -10.31 -24.49
C GLU A 119 -24.06 -10.17 -22.99
N PHE A 120 -23.39 -9.21 -22.35
CA PHE A 120 -23.66 -8.93 -20.94
C PHE A 120 -25.10 -8.47 -20.72
N SER A 121 -25.58 -7.59 -21.59
CA SER A 121 -26.97 -7.13 -21.51
C SER A 121 -27.93 -8.31 -21.65
N ASP A 122 -27.64 -9.19 -22.61
CA ASP A 122 -28.49 -10.37 -22.85
C ASP A 122 -28.46 -11.38 -21.70
N MET A 123 -27.30 -11.52 -21.04
CA MET A 123 -27.21 -12.39 -19.87
C MET A 123 -28.10 -11.84 -18.74
N CYS A 124 -28.05 -10.53 -18.53
CA CYS A 124 -28.87 -9.88 -17.52
C CYS A 124 -30.37 -10.05 -17.81
N ALA A 125 -30.73 -10.07 -19.09
CA ALA A 125 -32.12 -10.24 -19.51
C ALA A 125 -32.68 -11.64 -19.22
N GLN A 126 -31.79 -12.60 -18.94
CA GLN A 126 -32.23 -13.95 -18.59
C GLN A 126 -32.79 -14.05 -17.17
N HIS A 127 -32.42 -13.10 -16.32
CA HIS A 127 -32.86 -13.10 -14.93
C HIS A 127 -33.20 -11.69 -14.50
N VAL A 128 -34.32 -11.19 -15.03
CA VAL A 128 -34.70 -9.79 -14.89
C VAL A 128 -34.86 -9.39 -13.42
N GLY A 129 -34.14 -8.35 -13.02
CA GLY A 129 -34.19 -7.84 -11.65
C GLY A 129 -33.10 -8.37 -10.75
N ARG A 130 -32.44 -9.44 -11.17
CA ARG A 130 -31.36 -10.05 -10.38
C ARG A 130 -29.96 -9.80 -10.96
N LEU A 131 -29.89 -9.23 -12.16
CA LEU A 131 -28.61 -9.03 -12.83
C LEU A 131 -28.53 -7.67 -13.52
N PHE A 132 -27.47 -6.94 -13.22
CA PHE A 132 -27.12 -5.72 -13.94
C PHE A 132 -25.63 -5.82 -14.25
N PHE A 133 -25.09 -4.89 -15.02
CA PHE A 133 -23.67 -4.98 -15.36
C PHE A 133 -22.94 -3.64 -15.54
N PHE A 134 -21.63 -3.69 -15.27
CA PHE A 134 -20.71 -2.62 -15.62
C PHE A 134 -20.08 -3.00 -16.97
N ALA A 135 -20.13 -2.08 -17.93
CA ALA A 135 -19.55 -2.32 -19.25
C ALA A 135 -18.05 -1.99 -19.29
N ALA A 136 -17.30 -2.75 -20.07
CA ALA A 136 -15.89 -2.43 -20.32
C ALA A 136 -15.78 -1.62 -21.60
N LEU A 137 -14.74 -0.79 -21.70
CA LEU A 137 -14.59 0.12 -22.84
C LEU A 137 -13.37 -0.24 -23.69
N PRO A 138 -13.43 0.06 -25.00
CA PRO A 138 -12.29 -0.18 -25.88
C PRO A 138 -11.23 0.92 -25.77
N LEU A 139 -10.50 0.95 -24.66
CA LEU A 139 -9.59 2.06 -24.37
C LEU A 139 -8.28 2.05 -25.16
N SER A 140 -8.07 1.03 -25.98
CA SER A 140 -6.94 1.03 -26.92
C SER A 140 -7.29 1.78 -28.22
N ALA A 141 -8.58 2.03 -28.43
CA ALA A 141 -9.06 2.73 -29.63
C ALA A 141 -8.95 4.25 -29.44
N PRO A 142 -9.09 5.02 -30.53
CA PRO A 142 -9.07 6.48 -30.39
C PRO A 142 -10.18 6.99 -29.47
N VAL A 143 -9.95 8.14 -28.85
CA VAL A 143 -10.88 8.69 -27.85
C VAL A 143 -12.30 8.88 -28.41
N ASP A 144 -12.42 9.29 -29.67
CA ASP A 144 -13.73 9.44 -30.30
C ASP A 144 -14.47 8.09 -30.36
N ALA A 145 -13.74 7.02 -30.64
CA ALA A 145 -14.32 5.67 -30.63
C ALA A 145 -14.74 5.26 -29.21
N VAL A 146 -13.94 5.66 -28.21
CA VAL A 146 -14.26 5.39 -26.82
C VAL A 146 -15.55 6.11 -26.41
N LYS A 147 -15.67 7.38 -26.80
CA LYS A 147 -16.86 8.18 -26.48
C LYS A 147 -18.12 7.61 -27.15
N ALA A 148 -17.96 7.15 -28.39
CA ALA A 148 -19.07 6.50 -29.10
C ALA A 148 -19.52 5.22 -28.38
N SER A 149 -18.55 4.47 -27.86
CA SER A 149 -18.84 3.25 -27.11
C SER A 149 -19.60 3.53 -25.82
N ILE A 150 -19.25 4.63 -25.15
CA ILE A 150 -19.94 5.05 -23.92
C ILE A 150 -21.41 5.38 -24.20
N GLU A 151 -21.68 6.13 -25.27
CA GLU A 151 -23.05 6.47 -25.63
C GLU A 151 -23.86 5.22 -26.01
N ARG A 152 -23.17 4.22 -26.56
CA ARG A 152 -23.81 2.93 -26.87
C ARG A 152 -24.17 2.14 -25.62
N VAL A 153 -23.22 1.95 -24.70
CA VAL A 153 -23.46 1.11 -23.54
C VAL A 153 -24.48 1.70 -22.57
N LYS A 154 -24.58 3.02 -22.50
CA LYS A 154 -25.57 3.64 -21.62
C LYS A 154 -27.00 3.35 -22.06
N ASN A 155 -27.17 3.00 -23.33
CA ASN A 155 -28.48 2.64 -23.88
C ASN A 155 -28.74 1.12 -23.92
N LEU A 156 -27.81 0.33 -23.38
CA LEU A 156 -28.04 -1.11 -23.24
C LEU A 156 -28.85 -1.38 -21.98
N LYS A 157 -29.87 -2.22 -22.09
CA LYS A 157 -30.66 -2.61 -20.93
C LYS A 157 -29.74 -3.22 -19.87
N TYR A 158 -29.99 -2.87 -18.62
CA TYR A 158 -29.31 -3.44 -17.44
C TYR A 158 -27.88 -2.95 -17.22
N CYS A 159 -27.38 -2.07 -18.08
CA CYS A 159 -26.07 -1.46 -17.86
C CYS A 159 -26.22 -0.39 -16.79
N ARG A 160 -25.34 -0.41 -15.80
CA ARG A 160 -25.37 0.56 -14.71
C ARG A 160 -24.02 1.20 -14.42
N GLY A 161 -23.08 1.06 -15.36
CA GLY A 161 -21.79 1.72 -15.20
C GLY A 161 -20.70 1.16 -16.10
N ILE A 162 -19.48 1.54 -15.76
CA ILE A 162 -18.28 1.20 -16.52
C ILE A 162 -17.28 0.56 -15.58
N ILE A 163 -16.62 -0.50 -16.03
CA ILE A 163 -15.47 -1.04 -15.30
C ILE A 163 -14.20 -0.59 -16.01
N LEU A 164 -13.26 -0.09 -15.23
CA LEU A 164 -12.06 0.57 -15.72
C LEU A 164 -10.86 -0.08 -15.02
N GLY A 165 -9.81 -0.39 -15.78
CA GLY A 165 -8.53 -0.78 -15.20
C GLY A 165 -7.69 0.46 -14.96
N THR A 166 -6.48 0.28 -14.44
CA THR A 166 -5.64 1.44 -14.09
C THR A 166 -4.79 1.99 -15.24
N SER A 167 -4.74 1.31 -16.38
CA SER A 167 -3.87 1.76 -17.47
C SER A 167 -4.46 2.91 -18.29
N GLY A 168 -5.77 3.09 -18.25
CA GLY A 168 -6.43 4.14 -19.04
C GLY A 168 -6.23 3.93 -20.53
N LEU A 169 -5.76 4.97 -21.21
CA LEU A 169 -5.45 4.91 -22.64
C LEU A 169 -4.04 4.39 -22.89
N GLY A 170 -3.33 4.03 -21.81
CA GLY A 170 -1.96 3.55 -21.90
C GLY A 170 -0.99 4.30 -21.02
N LYS A 171 -1.41 5.45 -20.50
CA LYS A 171 -0.55 6.29 -19.65
C LYS A 171 -1.15 6.54 -18.25
N GLY A 172 -2.09 5.70 -17.85
CA GLY A 172 -2.69 5.82 -16.52
C GLY A 172 -3.85 6.79 -16.48
N LEU A 173 -4.43 6.94 -15.28
CA LEU A 173 -5.69 7.67 -15.13
C LEU A 173 -5.54 9.17 -14.92
N ASP A 174 -4.31 9.65 -14.79
CA ASP A 174 -4.02 11.09 -14.75
C ASP A 174 -3.64 11.65 -16.13
N ASP A 175 -3.77 10.82 -17.16
CA ASP A 175 -3.59 11.22 -18.55
C ASP A 175 -4.64 12.27 -18.91
N PRO A 176 -4.21 13.50 -19.27
CA PRO A 176 -5.16 14.57 -19.63
C PRO A 176 -6.13 14.19 -20.76
N HIS A 177 -5.70 13.32 -21.66
CA HIS A 177 -6.54 12.86 -22.76
C HIS A 177 -7.75 12.04 -22.31
N LEU A 178 -7.73 11.56 -21.06
CA LEU A 178 -8.87 10.86 -20.47
C LEU A 178 -9.97 11.78 -19.94
N LEU A 179 -9.69 13.08 -19.82
CA LEU A 179 -10.68 13.99 -19.21
C LEU A 179 -12.01 14.03 -19.97
N PRO A 180 -11.98 14.11 -21.32
CA PRO A 180 -13.25 14.01 -22.06
C PRO A 180 -13.94 12.65 -21.92
N VAL A 181 -13.17 11.59 -21.66
CA VAL A 181 -13.75 10.27 -21.41
C VAL A 181 -14.47 10.26 -20.05
N PHE A 182 -13.80 10.74 -19.01
CA PHE A 182 -14.43 10.85 -17.68
C PHE A 182 -15.68 11.73 -17.73
N GLU A 183 -15.61 12.83 -18.48
CA GLU A 183 -16.77 13.71 -18.65
C GLU A 183 -17.93 13.00 -19.33
N ALA A 184 -17.62 12.23 -20.37
CA ALA A 184 -18.65 11.48 -21.10
C ALA A 184 -19.33 10.45 -20.19
N VAL A 185 -18.53 9.71 -19.43
CA VAL A 185 -19.06 8.71 -18.52
C VAL A 185 -19.91 9.38 -17.43
N ALA A 186 -19.40 10.47 -16.87
CA ALA A 186 -20.10 11.19 -15.78
C ALA A 186 -21.41 11.81 -16.25
N ASP A 187 -21.39 12.44 -17.43
CA ASP A 187 -22.60 13.05 -18.00
C ASP A 187 -23.68 12.01 -18.33
N ALA A 188 -23.23 10.80 -18.66
CA ALA A 188 -24.14 9.67 -18.90
C ALA A 188 -24.66 9.05 -17.60
N LYS A 189 -24.18 9.56 -16.46
CA LYS A 189 -24.58 9.09 -15.13
C LYS A 189 -24.24 7.60 -14.95
N LEU A 190 -23.06 7.22 -15.43
CA LEU A 190 -22.54 5.87 -15.29
C LEU A 190 -21.48 5.87 -14.19
N LEU A 191 -21.67 5.03 -13.18
CA LEU A 191 -20.68 4.86 -12.11
C LEU A 191 -19.46 4.16 -12.69
N VAL A 192 -18.28 4.64 -12.31
CA VAL A 192 -17.02 4.01 -12.74
C VAL A 192 -16.51 3.09 -11.64
N PHE A 193 -16.36 1.81 -11.96
CA PHE A 193 -15.81 0.82 -11.05
C PHE A 193 -14.34 0.63 -11.42
N LEU A 194 -13.44 1.06 -10.54
CA LEU A 194 -12.00 0.92 -10.78
C LEU A 194 -11.48 -0.37 -10.15
N ALA A 195 -10.84 -1.21 -10.96
CA ALA A 195 -10.39 -2.53 -10.53
C ALA A 195 -8.93 -2.76 -10.88
N PRO A 196 -8.20 -3.51 -10.02
CA PRO A 196 -6.80 -3.81 -10.27
C PRO A 196 -6.57 -4.96 -11.23
N HIS A 197 -5.31 -5.09 -11.66
CA HIS A 197 -4.89 -6.15 -12.59
C HIS A 197 -3.37 -6.14 -12.75
N TYR A 198 -2.82 -4.96 -13.02
CA TYR A 198 -1.40 -4.82 -13.37
C TYR A 198 -0.48 -4.97 -12.17
N GLY A 199 -0.99 -4.75 -10.96
CA GLY A 199 -0.21 -4.89 -9.74
C GLY A 199 1.05 -4.04 -9.72
N LEU A 200 2.11 -4.59 -9.12
CA LEU A 200 3.39 -3.92 -9.02
C LEU A 200 4.46 -4.75 -9.74
N PRO A 201 5.58 -4.12 -10.12
CA PRO A 201 6.68 -4.90 -10.71
C PRO A 201 7.08 -6.04 -9.79
N ASN A 202 7.17 -7.25 -10.33
CA ASN A 202 7.33 -8.45 -9.51
C ASN A 202 8.60 -8.43 -8.65
N GLU A 203 9.61 -7.65 -9.06
CA GLU A 203 10.88 -7.55 -8.33
C GLU A 203 10.71 -7.09 -6.88
N VAL A 204 9.66 -6.30 -6.62
CA VAL A 204 9.44 -5.76 -5.26
C VAL A 204 9.20 -6.85 -4.23
N TYR A 205 8.72 -8.01 -4.67
CA TYR A 205 8.40 -9.12 -3.77
C TYR A 205 9.61 -9.98 -3.40
N GLY A 206 10.72 -9.77 -4.09
CA GLY A 206 11.97 -10.46 -3.76
C GLY A 206 12.09 -11.85 -4.35
N PRO A 207 13.25 -12.49 -4.14
CA PRO A 207 13.59 -13.76 -4.79
C PRO A 207 12.79 -14.98 -4.33
N ARG A 208 12.11 -14.89 -3.19
CA ARG A 208 11.38 -16.03 -2.61
C ARG A 208 9.86 -15.97 -2.79
N SER A 209 9.38 -15.00 -3.57
CA SER A 209 7.93 -14.73 -3.66
C SER A 209 7.11 -15.94 -4.09
N GLU A 210 7.67 -16.76 -4.99
CA GLU A 210 7.00 -17.96 -5.50
C GLU A 210 6.67 -18.97 -4.38
N GLU A 211 7.50 -18.98 -3.33
CA GLU A 211 7.27 -19.86 -2.17
C GLU A 211 5.98 -19.49 -1.42
N TYR A 212 5.53 -18.25 -1.60
CA TYR A 212 4.36 -17.75 -0.90
C TYR A 212 3.09 -17.84 -1.76
N GLY A 213 3.15 -18.63 -2.84
CA GLY A 213 2.04 -18.74 -3.77
C GLY A 213 1.75 -17.41 -4.44
N HIS A 214 0.47 -17.07 -4.53
CA HIS A 214 0.04 -15.79 -5.11
C HIS A 214 -0.26 -14.73 -4.05
N VAL A 215 0.12 -15.00 -2.79
CA VAL A 215 -0.25 -14.13 -1.68
C VAL A 215 0.23 -12.70 -1.85
N LEU A 216 1.50 -12.50 -2.19
CA LEU A 216 2.04 -11.13 -2.28
C LEU A 216 1.40 -10.28 -3.40
N PRO A 217 1.35 -10.80 -4.65
CA PRO A 217 0.70 -9.98 -5.68
C PRO A 217 -0.80 -9.73 -5.43
N LEU A 218 -1.51 -10.72 -4.89
CA LEU A 218 -2.95 -10.58 -4.67
C LEU A 218 -3.29 -9.76 -3.41
N ALA A 219 -2.59 -10.04 -2.32
CA ALA A 219 -2.86 -9.37 -1.04
C ALA A 219 -2.32 -7.94 -1.00
N LEU A 220 -1.20 -7.69 -1.67
CA LEU A 220 -0.54 -6.39 -1.63
C LEU A 220 -0.57 -5.67 -2.98
N GLY A 221 -0.15 -6.35 -4.03
CA GLY A 221 -0.06 -5.74 -5.37
C GLY A 221 -1.34 -5.08 -5.84
N PHE A 222 -2.44 -5.82 -5.79
CA PHE A 222 -3.75 -5.32 -6.25
C PHE A 222 -4.21 -4.07 -5.49
N PRO A 223 -4.29 -4.13 -4.15
CA PRO A 223 -4.73 -2.93 -3.45
C PRO A 223 -3.77 -1.74 -3.57
N MET A 224 -2.48 -2.00 -3.67
CA MET A 224 -1.50 -0.92 -3.84
C MET A 224 -1.64 -0.26 -5.22
N GLU A 225 -1.87 -1.08 -6.25
CA GLU A 225 -2.14 -0.57 -7.59
C GLU A 225 -3.32 0.40 -7.59
N THR A 226 -4.41 -0.03 -6.96
CA THR A 226 -5.62 0.78 -6.90
C THR A 226 -5.34 2.12 -6.20
N THR A 227 -4.62 2.06 -5.09
CA THR A 227 -4.27 3.26 -4.32
C THR A 227 -3.47 4.25 -5.16
N ILE A 228 -2.45 3.74 -5.86
CA ILE A 228 -1.59 4.60 -6.68
C ILE A 228 -2.39 5.26 -7.81
N ALA A 229 -3.27 4.50 -8.45
CA ALA A 229 -4.07 5.01 -9.56
C ALA A 229 -5.01 6.15 -9.14
N VAL A 230 -5.72 5.95 -8.03
CA VAL A 230 -6.66 6.96 -7.54
C VAL A 230 -5.92 8.17 -6.98
N ALA A 231 -4.77 7.93 -6.33
CA ALA A 231 -3.94 9.04 -5.85
C ALA A 231 -3.46 9.91 -7.01
N ARG A 232 -3.09 9.27 -8.12
CA ARG A 232 -2.67 10.00 -9.32
C ARG A 232 -3.83 10.84 -9.89
N MET A 233 -5.01 10.23 -10.00
CA MET A 233 -6.21 10.94 -10.43
C MET A 233 -6.45 12.16 -9.55
N TYR A 234 -6.39 11.95 -8.24
CA TYR A 234 -6.63 13.02 -7.28
C TYR A 234 -5.61 14.15 -7.42
N MET A 235 -4.32 13.82 -7.45
CA MET A 235 -3.27 14.83 -7.57
C MET A 235 -3.36 15.60 -8.90
N ALA A 236 -3.83 14.93 -9.94
CA ALA A 236 -4.00 15.58 -11.25
C ALA A 236 -5.22 16.51 -11.30
N GLY A 237 -6.06 16.44 -10.27
CA GLY A 237 -7.26 17.29 -10.20
C GLY A 237 -8.45 16.76 -11.00
N VAL A 238 -8.45 15.47 -11.31
CA VAL A 238 -9.53 14.87 -12.11
C VAL A 238 -10.90 15.07 -11.44
N PHE A 239 -10.95 14.86 -10.12
CA PHE A 239 -12.22 14.98 -9.38
C PHE A 239 -12.73 16.42 -9.33
N ASP A 240 -11.82 17.40 -9.35
CA ASP A 240 -12.19 18.81 -9.42
C ASP A 240 -12.62 19.19 -10.82
N HIS A 241 -12.01 18.60 -11.84
CA HIS A 241 -12.33 18.91 -13.23
C HIS A 241 -13.67 18.33 -13.65
N VAL A 242 -13.99 17.15 -13.13
CA VAL A 242 -15.24 16.46 -13.44
C VAL A 242 -16.02 16.23 -12.16
N ARG A 243 -16.74 17.26 -11.71
CA ARG A 243 -17.36 17.24 -10.39
C ARG A 243 -18.53 16.26 -10.26
N ASN A 244 -19.11 15.85 -11.39
CA ASN A 244 -20.18 14.84 -11.37
C ASN A 244 -19.67 13.41 -11.52
N LEU A 245 -18.36 13.23 -11.61
CA LEU A 245 -17.76 11.90 -11.67
C LEU A 245 -17.91 11.18 -10.34
N GLN A 246 -18.39 9.94 -10.40
CA GLN A 246 -18.51 9.07 -9.23
C GLN A 246 -17.73 7.79 -9.48
N MET A 247 -16.90 7.41 -8.52
CA MET A 247 -16.01 6.26 -8.64
CA MET A 247 -16.03 6.24 -8.66
C MET A 247 -16.25 5.24 -7.51
N LEU A 248 -16.40 3.97 -7.87
CA LEU A 248 -16.44 2.88 -6.91
C LEU A 248 -15.08 2.20 -6.94
N LEU A 249 -14.43 2.09 -5.78
CA LEU A 249 -13.07 1.54 -5.71
C LEU A 249 -13.06 0.10 -5.20
N ALA A 250 -12.36 -0.76 -5.93
CA ALA A 250 -12.21 -2.16 -5.55
C ALA A 250 -11.49 -2.30 -4.22
N HIS A 251 -11.88 -3.32 -3.46
CA HIS A 251 -11.23 -3.69 -2.20
C HIS A 251 -11.09 -2.53 -1.21
N SER A 252 -12.21 -1.84 -0.98
CA SER A 252 -12.29 -0.73 -0.02
C SER A 252 -11.27 0.38 -0.28
N GLY A 253 -10.97 0.63 -1.56
CA GLY A 253 -10.04 1.68 -1.95
C GLY A 253 -8.58 1.25 -1.89
N GLY A 254 -8.35 -0.05 -1.77
CA GLY A 254 -7.00 -0.62 -1.73
C GLY A 254 -6.36 -0.40 -0.37
N THR A 255 -5.76 0.77 -0.20
CA THR A 255 -5.25 1.21 1.10
C THR A 255 -5.61 2.68 1.40
N LEU A 256 -6.45 3.29 0.55
CA LEU A 256 -6.68 4.73 0.62
C LEU A 256 -7.23 5.22 1.98
N PRO A 257 -8.17 4.48 2.58
CA PRO A 257 -8.67 4.94 3.89
C PRO A 257 -7.58 5.03 4.97
N PHE A 258 -6.60 4.12 4.90
CA PHE A 258 -5.51 4.10 5.86
C PHE A 258 -4.45 5.16 5.58
N LEU A 259 -4.23 5.48 4.30
CA LEU A 259 -3.18 6.42 3.90
C LEU A 259 -3.67 7.85 3.62
N ALA A 260 -4.98 8.08 3.69
CA ALA A 260 -5.53 9.39 3.35
C ALA A 260 -4.92 10.53 4.19
N GLY A 261 -4.73 10.29 5.49
CA GLY A 261 -4.11 11.28 6.37
C GLY A 261 -2.68 11.59 5.95
N ARG A 262 -1.93 10.54 5.63
CA ARG A 262 -0.55 10.68 5.18
C ARG A 262 -0.45 11.43 3.85
N ILE A 263 -1.35 11.12 2.92
CA ILE A 263 -1.41 11.82 1.63
C ILE A 263 -1.61 13.32 1.86
N GLU A 264 -2.58 13.67 2.71
CA GLU A 264 -2.86 15.07 3.02
C GLU A 264 -1.67 15.78 3.64
N SER A 265 -1.00 15.14 4.60
CA SER A 265 0.18 15.72 5.24
C SER A 265 1.32 15.93 4.24
N CYS A 266 1.56 14.94 3.38
CA CYS A 266 2.60 15.05 2.37
C CYS A 266 2.33 16.18 1.38
N ILE A 267 1.06 16.41 1.04
CA ILE A 267 0.68 17.51 0.14
C ILE A 267 0.97 18.87 0.78
N VAL A 268 0.45 19.10 1.98
CA VAL A 268 0.59 20.41 2.61
C VAL A 268 2.03 20.72 3.04
N HIS A 269 2.87 19.69 3.13
CA HIS A 269 4.28 19.85 3.45
C HIS A 269 5.21 19.70 2.23
N ASP A 270 4.63 19.67 1.03
CA ASP A 270 5.45 19.54 -0.18
C ASP A 270 5.89 20.92 -0.68
N GLY A 271 7.19 21.18 -0.58
CA GLY A 271 7.75 22.47 -0.99
C GLY A 271 7.43 22.85 -2.43
N HIS A 272 7.55 21.88 -3.33
CA HIS A 272 7.30 22.14 -4.75
C HIS A 272 5.86 22.55 -4.99
N LEU A 273 4.92 21.80 -4.44
CA LEU A 273 3.50 22.08 -4.62
C LEU A 273 3.10 23.42 -3.99
N VAL A 274 3.56 23.68 -2.78
CA VAL A 274 3.22 24.93 -2.09
C VAL A 274 3.76 26.12 -2.87
N LYS A 275 5.03 26.05 -3.29
CA LYS A 275 5.69 27.17 -3.94
C LYS A 275 5.27 27.42 -5.38
N THR A 276 4.59 26.45 -6.00
CA THR A 276 4.06 26.62 -7.35
C THR A 276 2.54 26.78 -7.38
N GLY A 277 1.96 27.09 -6.22
CA GLY A 277 0.54 27.44 -6.12
C GLY A 277 -0.44 26.29 -6.18
N LYS A 278 0.03 25.07 -5.93
CA LYS A 278 -0.83 23.89 -6.04
C LYS A 278 -1.48 23.46 -4.72
N VAL A 279 -1.31 24.26 -3.66
CA VAL A 279 -1.94 23.98 -2.38
C VAL A 279 -2.71 25.21 -1.88
N PRO A 280 -3.73 25.65 -2.63
CA PRO A 280 -4.50 26.82 -2.21
C PRO A 280 -5.38 26.52 -0.99
N LYS A 281 -5.77 27.57 -0.26
CA LYS A 281 -6.58 27.40 0.95
C LYS A 281 -7.92 26.72 0.70
N ASP A 282 -8.50 26.93 -0.49
CA ASP A 282 -9.82 26.39 -0.82
C ASP A 282 -9.78 25.01 -1.49
N ARG A 283 -8.63 24.35 -1.48
CA ARG A 283 -8.48 23.04 -2.13
C ARG A 283 -9.39 22.00 -1.49
N ARG A 284 -10.00 21.16 -2.33
CA ARG A 284 -10.82 20.05 -1.85
C ARG A 284 -9.89 18.92 -1.43
N THR A 285 -9.94 18.55 -0.15
CA THR A 285 -9.06 17.52 0.39
C THR A 285 -9.48 16.15 -0.10
N ILE A 286 -8.61 15.17 0.05
CA ILE A 286 -8.96 13.79 -0.31
C ILE A 286 -10.10 13.27 0.56
N TRP A 287 -10.19 13.77 1.79
CA TRP A 287 -11.30 13.45 2.69
C TRP A 287 -12.64 13.90 2.11
N THR A 288 -12.66 15.10 1.54
CA THR A 288 -13.86 15.63 0.89
C THR A 288 -14.24 14.78 -0.32
N VAL A 289 -13.25 14.42 -1.14
CA VAL A 289 -13.50 13.59 -2.32
C VAL A 289 -14.02 12.21 -1.89
N LEU A 290 -13.46 11.66 -0.82
CA LEU A 290 -13.90 10.37 -0.27
C LEU A 290 -15.37 10.37 0.17
N LYS A 291 -15.87 11.53 0.58
CA LYS A 291 -17.27 11.67 1.01
C LYS A 291 -18.22 12.06 -0.14
N GLU A 292 -17.67 12.62 -1.22
CA GLU A 292 -18.51 13.24 -2.26
C GLU A 292 -18.49 12.56 -3.63
N GLN A 293 -17.38 11.91 -3.99
CA GLN A 293 -17.23 11.32 -5.32
C GLN A 293 -16.71 9.88 -5.34
N ILE A 294 -16.40 9.32 -4.17
CA ILE A 294 -15.88 7.97 -4.07
C ILE A 294 -16.85 7.07 -3.29
N TYR A 295 -17.12 5.90 -3.86
CA TYR A 295 -17.76 4.79 -3.15
C TYR A 295 -16.70 3.72 -2.95
N LEU A 296 -16.82 2.94 -1.88
CA LEU A 296 -15.87 1.87 -1.60
C LEU A 296 -16.64 0.56 -1.53
N ASP A 297 -16.10 -0.50 -2.13
CA ASP A 297 -16.66 -1.82 -1.89
C ASP A 297 -16.23 -2.28 -0.49
N ALA A 298 -16.88 -3.32 0.02
CA ALA A 298 -16.59 -3.81 1.36
C ALA A 298 -15.79 -5.11 1.34
N VAL A 299 -15.03 -5.31 0.26
CA VAL A 299 -14.23 -6.52 0.09
C VAL A 299 -12.89 -6.30 0.80
N ILE A 300 -12.91 -6.40 2.11
CA ILE A 300 -11.77 -6.07 2.96
C ILE A 300 -11.45 -7.13 4.03
N TYR A 301 -12.36 -8.09 4.24
CA TYR A 301 -12.11 -9.29 5.05
C TYR A 301 -11.89 -9.09 6.55
N SER A 302 -12.07 -7.87 7.04
CA SER A 302 -11.92 -7.59 8.46
C SER A 302 -12.72 -6.36 8.86
N GLU A 303 -13.29 -6.43 10.07
CA GLU A 303 -13.97 -5.26 10.66
C GLU A 303 -13.00 -4.09 10.86
N VAL A 304 -11.73 -4.38 11.03
CA VAL A 304 -10.70 -3.34 11.20
C VAL A 304 -10.62 -2.47 9.95
N GLY A 305 -10.39 -3.10 8.80
CA GLY A 305 -10.37 -2.39 7.53
C GLY A 305 -11.71 -1.73 7.20
N LEU A 306 -12.80 -2.46 7.44
CA LEU A 306 -14.12 -1.94 7.11
C LEU A 306 -14.45 -0.69 7.92
N GLN A 307 -14.10 -0.67 9.20
CA GLN A 307 -14.36 0.50 10.05
C GLN A 307 -13.60 1.74 9.53
N ALA A 308 -12.36 1.54 9.09
CA ALA A 308 -11.59 2.63 8.48
C ALA A 308 -12.25 3.15 7.20
N ALA A 309 -12.77 2.22 6.40
CA ALA A 309 -13.47 2.59 5.16
C ALA A 309 -14.75 3.37 5.45
N ILE A 310 -15.51 2.92 6.44
CA ILE A 310 -16.75 3.60 6.86
C ILE A 310 -16.45 4.99 7.42
N ALA A 311 -15.40 5.10 8.22
CA ALA A 311 -14.97 6.40 8.75
C ALA A 311 -14.56 7.37 7.64
N SER A 312 -14.05 6.84 6.53
CA SER A 312 -13.57 7.66 5.43
C SER A 312 -14.67 8.13 4.47
N SER A 313 -15.55 7.22 4.09
CA SER A 313 -16.58 7.51 3.07
C SER A 313 -18.00 7.54 3.61
N GLY A 314 -18.22 6.98 4.80
CA GLY A 314 -19.55 6.93 5.41
C GLY A 314 -20.26 5.64 5.07
N ALA A 315 -21.11 5.17 5.98
CA ALA A 315 -21.85 3.92 5.81
C ALA A 315 -22.76 3.91 4.57
N ASP A 316 -23.20 5.08 4.14
CA ASP A 316 -24.05 5.19 2.94
C ASP A 316 -23.27 5.09 1.63
N ARG A 317 -21.94 4.99 1.70
CA ARG A 317 -21.11 4.90 0.50
C ARG A 317 -20.24 3.63 0.45
N LEU A 318 -20.57 2.66 1.29
CA LEU A 318 -19.92 1.33 1.28
C LEU A 318 -20.86 0.31 0.64
N MET A 319 -20.31 -0.57 -0.19
CA MET A 319 -21.11 -1.57 -0.91
C MET A 319 -20.51 -2.97 -0.85
N PHE A 320 -21.32 -3.92 -0.40
CA PHE A 320 -20.92 -5.32 -0.35
C PHE A 320 -20.52 -5.88 -1.72
N GLY A 321 -19.49 -6.71 -1.72
CA GLY A 321 -19.06 -7.45 -2.91
C GLY A 321 -18.41 -8.76 -2.50
N THR A 322 -18.16 -9.64 -3.45
CA THR A 322 -17.57 -10.96 -3.18
C THR A 322 -16.25 -11.23 -3.90
N ASP A 323 -16.00 -10.51 -4.99
CA ASP A 323 -14.89 -10.80 -5.90
C ASP A 323 -15.01 -12.22 -6.50
N HIS A 324 -16.24 -12.70 -6.65
CA HIS A 324 -16.48 -13.99 -7.30
C HIS A 324 -16.01 -13.90 -8.76
N PRO A 325 -15.35 -14.96 -9.27
CA PRO A 325 -15.07 -16.27 -8.69
C PRO A 325 -13.62 -16.46 -8.25
N PHE A 326 -12.96 -15.41 -7.78
CA PHE A 326 -11.50 -15.45 -7.62
C PHE A 326 -10.98 -16.19 -6.38
N PHE A 327 -11.81 -16.35 -5.35
CA PHE A 327 -11.37 -17.03 -4.12
C PHE A 327 -12.28 -18.18 -3.71
N PRO A 328 -12.30 -19.26 -4.52
CA PRO A 328 -13.09 -20.42 -4.15
C PRO A 328 -12.48 -21.16 -2.96
N PRO A 329 -13.29 -21.96 -2.24
CA PRO A 329 -12.70 -22.77 -1.18
C PRO A 329 -11.71 -23.78 -1.77
N ILE A 330 -10.58 -23.99 -1.10
CA ILE A 330 -9.55 -24.89 -1.60
C ILE A 330 -9.90 -26.34 -1.27
N GLU A 331 -10.51 -26.58 -0.12
CA GLU A 331 -10.80 -27.94 0.33
C GLU A 331 -12.30 -28.28 0.41
N GLU A 332 -13.14 -27.31 0.77
CA GLU A 332 -14.59 -27.54 0.80
C GLU A 332 -15.18 -27.48 -0.61
N ASP A 333 -16.40 -28.01 -0.75
CA ASP A 333 -17.06 -28.11 -2.06
C ASP A 333 -17.28 -26.73 -2.70
N VAL A 334 -16.74 -26.53 -3.90
CA VAL A 334 -16.91 -25.25 -4.60
C VAL A 334 -18.36 -24.98 -5.01
N GLN A 335 -19.19 -26.03 -5.03
CA GLN A 335 -20.62 -25.88 -5.29
C GLN A 335 -21.41 -25.57 -4.01
N GLY A 336 -20.75 -25.67 -2.85
CA GLY A 336 -21.34 -25.22 -1.58
C GLY A 336 -21.09 -23.74 -1.35
N PRO A 337 -21.48 -23.23 -0.16
CA PRO A 337 -21.22 -21.83 0.19
C PRO A 337 -19.73 -21.48 0.21
N TRP A 338 -19.40 -20.25 -0.19
CA TRP A 338 -18.02 -19.77 -0.25
C TRP A 338 -17.70 -18.94 0.99
N ASP A 339 -16.69 -19.37 1.75
CA ASP A 339 -16.29 -18.63 2.95
C ASP A 339 -15.71 -17.25 2.62
N SER A 340 -15.18 -17.09 1.40
CA SER A 340 -14.64 -15.80 0.96
C SER A 340 -15.73 -14.74 0.83
N SER A 341 -16.95 -15.17 0.50
CA SER A 341 -18.12 -14.30 0.51
C SER A 341 -18.59 -14.04 1.95
N ARG A 342 -18.66 -15.10 2.74
CA ARG A 342 -19.12 -15.02 4.13
C ARG A 342 -18.23 -14.14 5.00
N LEU A 343 -16.92 -14.18 4.77
CA LEU A 343 -15.96 -13.37 5.53
C LEU A 343 -16.32 -11.88 5.56
N ASN A 344 -16.67 -11.33 4.40
CA ASN A 344 -17.00 -9.92 4.29
C ASN A 344 -18.36 -9.57 4.89
N ALA A 345 -19.33 -10.47 4.75
CA ALA A 345 -20.64 -10.29 5.39
C ALA A 345 -20.47 -10.28 6.91
N GLN A 346 -19.60 -11.16 7.42
CA GLN A 346 -19.27 -11.18 8.84
C GLN A 346 -18.56 -9.90 9.29
N ALA A 347 -17.67 -9.38 8.44
CA ALA A 347 -17.02 -8.10 8.72
C ALA A 347 -18.05 -6.99 8.89
N VAL A 348 -19.05 -6.95 8.01
CA VAL A 348 -20.13 -5.97 8.08
C VAL A 348 -20.91 -6.08 9.40
N ILE A 349 -21.24 -7.31 9.79
CA ILE A 349 -21.97 -7.55 11.04
C ILE A 349 -21.17 -7.07 12.25
N LYS A 350 -19.89 -7.43 12.31
CA LYS A 350 -19.03 -7.03 13.43
C LYS A 350 -18.79 -5.53 13.49
N ALA A 351 -18.81 -4.87 12.33
CA ALA A 351 -18.52 -3.43 12.24
C ALA A 351 -19.71 -2.56 12.64
N VAL A 352 -20.90 -2.87 12.13
CA VAL A 352 -22.09 -2.02 12.34
C VAL A 352 -23.30 -2.72 12.97
N GLY A 353 -23.15 -4.00 13.31
CA GLY A 353 -24.21 -4.74 13.99
C GLY A 353 -25.21 -5.38 13.03
N GLU A 354 -25.58 -6.62 13.31
CA GLU A 354 -26.54 -7.36 12.49
C GLU A 354 -27.94 -6.77 12.63
N GLY A 355 -28.62 -6.61 11.50
CA GLY A 355 -29.99 -6.11 11.48
C GLY A 355 -30.12 -4.59 11.53
N SER A 356 -28.99 -3.88 11.59
CA SER A 356 -28.99 -2.43 11.63
C SER A 356 -29.28 -1.84 10.25
N SER A 357 -29.68 -0.58 10.21
CA SER A 357 -29.92 0.10 8.94
C SER A 357 -28.63 0.29 8.15
N ASP A 358 -27.52 0.50 8.86
CA ASP A 358 -26.19 0.56 8.22
C ASP A 358 -25.81 -0.77 7.57
N ALA A 359 -26.13 -1.88 8.24
CA ALA A 359 -25.88 -3.21 7.67
C ALA A 359 -26.69 -3.41 6.40
N ALA A 360 -27.98 -3.06 6.45
CA ALA A 360 -28.85 -3.14 5.28
C ALA A 360 -28.35 -2.26 4.13
N ALA A 361 -27.81 -1.09 4.47
CA ALA A 361 -27.26 -0.17 3.48
C ALA A 361 -26.06 -0.78 2.78
N VAL A 362 -25.09 -1.23 3.57
CA VAL A 362 -23.84 -1.79 3.02
C VAL A 362 -24.12 -3.07 2.24
N MET A 363 -24.98 -3.93 2.76
CA MET A 363 -25.24 -5.23 2.15
C MET A 363 -26.01 -5.17 0.83
N GLY A 364 -26.65 -4.03 0.52
CA GLY A 364 -27.31 -3.89 -0.77
C GLY A 364 -28.07 -2.60 -1.06
N LEU A 365 -28.65 -1.98 -0.05
CA LEU A 365 -29.53 -0.82 -0.29
C LEU A 365 -28.78 0.41 -0.81
N ASN A 366 -27.51 0.56 -0.47
CA ASN A 366 -26.68 1.60 -1.09
C ASN A 366 -26.55 1.38 -2.59
N ALA A 367 -26.28 0.13 -2.98
CA ALA A 367 -26.18 -0.23 -4.40
C ALA A 367 -27.52 -0.02 -5.12
N VAL A 368 -28.61 -0.43 -4.49
CA VAL A 368 -29.95 -0.23 -5.06
C VAL A 368 -30.20 1.25 -5.33
N ARG A 369 -29.86 2.10 -4.35
CA ARG A 369 -30.06 3.55 -4.47
C ARG A 369 -29.15 4.16 -5.53
N VAL A 370 -27.85 3.94 -5.40
CA VAL A 370 -26.86 4.57 -6.27
C VAL A 370 -26.95 4.11 -7.72
N LEU A 371 -27.19 2.81 -7.91
CA LEU A 371 -27.24 2.23 -9.26
C LEU A 371 -28.66 2.07 -9.82
N SER A 372 -29.67 2.60 -9.12
CA SER A 372 -31.06 2.50 -9.56
C SER A 372 -31.38 1.08 -10.00
N LEU A 373 -31.20 0.12 -9.11
CA LEU A 373 -31.38 -1.29 -9.45
C LEU A 373 -32.85 -1.63 -9.50
N LYS A 374 -33.47 -1.16 -10.59
CA LYS A 374 -34.91 -1.18 -10.85
C LYS A 374 -35.76 -1.73 -9.70
N THR B 5 2.63 15.98 34.41
CA THR B 5 2.16 15.27 33.17
C THR B 5 3.05 14.07 32.85
N PRO B 6 2.45 12.97 32.37
CA PRO B 6 3.27 11.81 31.97
C PRO B 6 4.20 12.12 30.80
N VAL B 7 5.24 11.32 30.66
CA VAL B 7 6.34 11.61 29.74
C VAL B 7 5.89 11.45 28.29
N VAL B 8 6.19 12.46 27.46
CA VAL B 8 6.03 12.34 26.02
C VAL B 8 7.36 11.86 25.43
N VAL B 9 7.31 10.72 24.73
CA VAL B 9 8.48 10.13 24.09
C VAL B 9 8.26 10.10 22.58
N ASP B 10 9.28 10.51 21.83
CA ASP B 10 9.28 10.46 20.37
C ASP B 10 10.22 9.33 19.93
N ILE B 11 9.66 8.25 19.38
CA ILE B 11 10.49 7.09 18.98
C ILE B 11 10.81 7.04 17.48
N HIS B 12 10.40 8.07 16.75
CA HIS B 12 10.65 8.13 15.31
C HIS B 12 11.22 9.50 14.96
N THR B 13 12.54 9.62 15.07
CA THR B 13 13.21 10.92 14.95
C THR B 13 14.67 10.70 14.58
N HIS B 14 15.15 11.44 13.58
CA HIS B 14 16.40 11.11 12.91
C HIS B 14 17.47 12.20 12.97
N MET B 15 18.73 11.76 12.82
CA MET B 15 19.86 12.66 12.72
C MET B 15 20.94 12.12 11.79
N TYR B 16 21.73 13.03 11.22
CA TYR B 16 23.01 12.69 10.60
C TYR B 16 24.10 13.27 11.49
N PRO B 17 24.78 12.42 12.28
CA PRO B 17 25.80 12.92 13.22
C PRO B 17 27.08 13.37 12.52
N PRO B 18 27.90 14.19 13.21
CA PRO B 18 29.13 14.72 12.58
C PRO B 18 30.06 13.66 11.97
N SER B 19 30.22 12.53 12.64
CA SER B 19 31.10 11.45 12.13
C SER B 19 30.55 10.84 10.84
N TYR B 20 29.22 10.74 10.74
CA TYR B 20 28.57 10.23 9.53
C TYR B 20 28.75 11.20 8.38
N ILE B 21 28.56 12.49 8.65
CA ILE B 21 28.72 13.53 7.63
C ILE B 21 30.18 13.59 7.16
N ALA B 22 31.12 13.53 8.09
CA ALA B 22 32.54 13.54 7.77
C ALA B 22 32.92 12.36 6.86
N MET B 23 32.33 11.19 7.14
CA MET B 23 32.53 10.01 6.31
C MET B 23 31.98 10.24 4.90
N LEU B 24 30.79 10.85 4.81
CA LEU B 24 30.16 11.14 3.51
C LEU B 24 30.93 12.20 2.73
N GLU B 25 31.54 13.16 3.42
CA GLU B 25 32.32 14.21 2.77
C GLU B 25 33.58 13.66 2.08
N LYS B 26 34.12 12.58 2.62
CA LYS B 26 35.32 11.95 2.05
C LYS B 26 35.02 11.03 0.87
N ARG B 27 33.75 10.66 0.68
CA ARG B 27 33.35 9.76 -0.40
C ARG B 27 33.40 10.46 -1.76
N GLN B 28 33.79 9.72 -2.79
CA GLN B 28 33.86 10.23 -4.16
C GLN B 28 32.67 9.76 -5.00
N THR B 29 31.90 8.81 -4.48
CA THR B 29 30.74 8.28 -5.18
C THR B 29 29.49 8.32 -4.31
N ILE B 30 28.34 8.34 -4.97
CA ILE B 30 27.03 8.38 -4.32
C ILE B 30 26.90 7.32 -3.23
N PRO B 31 26.43 7.70 -2.03
CA PRO B 31 26.07 9.05 -1.58
C PRO B 31 27.27 9.83 -1.07
N LEU B 32 27.23 11.16 -1.16
CA LEU B 32 28.32 12.00 -0.69
C LEU B 32 27.85 13.39 -0.27
N VAL B 33 28.71 14.09 0.48
CA VAL B 33 28.46 15.45 0.93
C VAL B 33 29.55 16.38 0.41
N ARG B 34 29.16 17.59 0.02
CA ARG B 34 30.11 18.63 -0.38
C ARG B 34 29.66 19.97 0.18
N THR B 35 30.63 20.78 0.60
CA THR B 35 30.35 22.13 1.10
C THR B 35 30.76 23.18 0.08
N PHE B 36 30.12 24.34 0.15
CA PHE B 36 30.39 25.46 -0.76
C PHE B 36 30.48 26.77 0.04
N PRO B 37 31.25 27.75 -0.47
CA PRO B 37 31.32 29.05 0.21
C PRO B 37 30.00 29.84 0.11
N GLN B 38 29.29 29.69 -1.00
CA GLN B 38 28.01 30.39 -1.21
C GLN B 38 26.83 29.74 -0.47
N ALA B 39 27.08 28.64 0.24
CA ALA B 39 26.04 27.94 0.99
C ALA B 39 26.43 27.84 2.46
N ASP B 40 25.47 28.13 3.34
CA ASP B 40 25.68 28.02 4.79
C ASP B 40 25.32 26.62 5.33
N GLU B 41 25.01 25.69 4.43
CA GLU B 41 24.73 24.30 4.78
C GLU B 41 25.45 23.36 3.82
N PRO B 42 25.94 22.20 4.31
CA PRO B 42 26.47 21.17 3.41
C PRO B 42 25.36 20.59 2.52
N ARG B 43 25.76 20.04 1.38
CA ARG B 43 24.80 19.50 0.41
C ARG B 43 24.87 17.98 0.39
N LEU B 44 23.71 17.32 0.50
CA LEU B 44 23.63 15.87 0.45
C LEU B 44 23.29 15.45 -0.98
N ILE B 45 24.24 14.78 -1.64
CA ILE B 45 24.03 14.26 -2.99
C ILE B 45 23.82 12.75 -2.93
N LEU B 46 22.56 12.33 -3.13
CA LEU B 46 22.17 10.92 -2.97
C LEU B 46 21.85 10.20 -4.29
N LEU B 47 21.66 10.94 -5.37
CA LEU B 47 21.26 10.37 -6.66
C LEU B 47 22.29 10.60 -7.76
N SER B 48 22.33 9.67 -8.71
CA SER B 48 23.26 9.74 -9.85
C SER B 48 22.99 10.95 -10.75
N SER B 49 21.72 11.32 -10.88
CA SER B 49 21.32 12.45 -11.73
C SER B 49 21.83 13.80 -11.21
N GLU B 50 22.04 13.89 -9.90
CA GLU B 50 22.48 15.14 -9.27
C GLU B 50 23.97 15.42 -9.46
N LEU B 51 24.75 14.38 -9.81
CA LEU B 51 26.19 14.53 -10.07
C LEU B 51 26.50 15.49 -11.22
N ALA B 52 25.57 15.58 -12.18
CA ALA B 52 25.69 16.55 -13.27
C ALA B 52 25.70 17.98 -12.73
N ALA B 53 24.72 18.28 -11.87
CA ALA B 53 24.58 19.60 -11.27
C ALA B 53 25.64 19.90 -10.21
N LEU B 54 26.29 18.86 -9.69
CA LEU B 54 27.36 19.05 -8.71
C LEU B 54 28.53 19.79 -9.34
N ASP B 55 29.05 19.27 -10.44
CA ASP B 55 30.18 19.87 -11.18
C ASP B 55 29.89 21.30 -11.64
N ALA B 56 28.62 21.58 -11.94
CA ALA B 56 28.20 22.92 -12.36
C ALA B 56 28.39 23.96 -11.26
N ALA B 57 27.93 23.63 -10.07
CA ALA B 57 28.13 24.48 -8.89
C ALA B 57 29.57 24.38 -8.37
N LEU B 58 30.20 23.23 -8.60
CA LEU B 58 31.60 23.02 -8.26
C LEU B 58 32.49 23.92 -9.13
N ALA B 59 32.06 24.14 -10.36
CA ALA B 59 32.73 25.06 -11.28
C ALA B 59 32.29 26.50 -11.00
N ASP B 60 31.04 26.81 -11.31
CA ASP B 60 30.52 28.18 -11.22
C ASP B 60 29.88 28.43 -9.84
N PRO B 61 30.25 29.55 -9.19
CA PRO B 61 29.56 29.93 -7.96
C PRO B 61 28.20 30.59 -8.21
N ALA B 62 27.87 30.83 -9.48
CA ALA B 62 26.58 31.40 -9.87
C ALA B 62 25.49 30.34 -10.01
N ALA B 63 25.88 29.14 -10.42
CA ALA B 63 24.94 28.04 -10.68
C ALA B 63 24.20 27.57 -9.42
N LYS B 64 23.18 26.75 -9.62
CA LYS B 64 22.30 26.30 -8.53
C LYS B 64 22.99 25.26 -7.65
N LEU B 65 22.75 25.34 -6.35
CA LEU B 65 23.29 24.38 -5.39
C LEU B 65 22.64 23.00 -5.57
N PRO B 66 23.47 21.93 -5.64
CA PRO B 66 22.98 20.59 -5.94
C PRO B 66 22.47 19.85 -4.71
N GLY B 67 21.74 18.76 -4.95
CA GLY B 67 21.25 17.90 -3.88
C GLY B 67 20.30 18.60 -2.93
N ARG B 68 20.31 18.17 -1.68
CA ARG B 68 19.44 18.75 -0.64
C ARG B 68 20.26 19.20 0.56
N PRO B 69 19.85 20.31 1.21
CA PRO B 69 20.60 20.93 2.29
C PRO B 69 20.65 20.10 3.57
N LEU B 70 21.86 19.79 4.04
CA LEU B 70 22.06 19.19 5.35
C LEU B 70 21.92 20.27 6.42
N SER B 71 20.67 20.53 6.80
CA SER B 71 20.35 21.61 7.73
C SER B 71 20.66 21.23 9.17
N THR B 72 20.57 22.22 10.06
CA THR B 72 20.69 22.01 11.50
C THR B 72 19.67 20.97 11.99
N HIS B 73 18.51 20.93 11.34
CA HIS B 73 17.44 20.01 11.71
C HIS B 73 17.86 18.55 11.58
N PHE B 74 18.76 18.26 10.65
CA PHE B 74 19.38 16.93 10.51
C PHE B 74 20.64 16.76 11.36
N ALA B 75 21.44 17.81 11.46
CA ALA B 75 22.83 17.68 11.92
C ALA B 75 23.12 18.18 13.34
N SER B 76 22.29 19.08 13.86
CA SER B 76 22.58 19.74 15.14
C SER B 76 21.79 19.15 16.30
N LEU B 77 22.51 18.71 17.34
CA LEU B 77 21.88 18.20 18.55
C LEU B 77 21.13 19.30 19.29
N ALA B 78 21.70 20.50 19.30
CA ALA B 78 21.03 21.66 19.90
C ALA B 78 19.69 21.94 19.21
N GLN B 79 19.67 21.80 17.88
CA GLN B 79 18.43 21.96 17.12
C GLN B 79 17.42 20.88 17.48
N LYS B 80 17.88 19.65 17.65
CA LYS B 80 17.00 18.55 18.06
C LYS B 80 16.38 18.84 19.42
N MET B 81 17.20 19.28 20.36
CA MET B 81 16.70 19.64 21.69
C MET B 81 15.73 20.81 21.63
N HIS B 82 16.01 21.78 20.76
CA HIS B 82 15.09 22.91 20.58
C HIS B 82 13.73 22.44 20.05
N PHE B 83 13.76 21.55 19.07
CA PHE B 83 12.53 20.95 18.51
C PHE B 83 11.71 20.27 19.60
N MET B 84 12.39 19.47 20.42
CA MET B 84 11.75 18.76 21.53
C MET B 84 11.12 19.75 22.51
N ASP B 85 11.86 20.80 22.85
CA ASP B 85 11.40 21.81 23.81
C ASP B 85 10.20 22.63 23.31
N THR B 86 10.08 22.79 22.00
CA THR B 86 8.99 23.59 21.41
C THR B 86 7.84 22.74 20.86
N ASN B 87 7.94 21.41 20.99
CA ASN B 87 6.86 20.51 20.59
C ASN B 87 6.40 19.57 21.71
N GLY B 88 6.75 19.91 22.95
CA GLY B 88 6.27 19.17 24.13
C GLY B 88 6.82 17.77 24.30
N ILE B 89 8.03 17.54 23.81
CA ILE B 89 8.65 16.21 23.86
C ILE B 89 9.74 16.19 24.92
N ARG B 90 9.61 15.25 25.87
CA ARG B 90 10.58 15.10 26.94
C ARG B 90 11.77 14.25 26.51
N VAL B 91 11.46 13.14 25.83
CA VAL B 91 12.46 12.14 25.47
C VAL B 91 12.38 11.83 23.98
N SER B 92 13.53 11.75 23.33
CA SER B 92 13.62 11.28 21.96
C SER B 92 14.49 10.03 21.90
N VAL B 93 14.03 9.00 21.19
CA VAL B 93 14.88 7.87 20.86
C VAL B 93 15.34 8.09 19.42
N ILE B 94 16.51 8.68 19.27
CA ILE B 94 17.01 9.12 17.97
C ILE B 94 17.63 7.95 17.19
N SER B 95 17.64 8.07 15.88
CA SER B 95 18.21 7.03 15.02
C SER B 95 18.86 7.65 13.79
N LEU B 96 19.86 6.96 13.26
CA LEU B 96 20.49 7.39 12.02
C LEU B 96 19.45 7.36 10.90
N ALA B 97 19.43 8.39 10.08
CA ALA B 97 18.50 8.47 8.96
C ALA B 97 18.97 7.60 7.82
N ASN B 98 18.03 7.20 6.96
CA ASN B 98 18.36 6.59 5.68
C ASN B 98 19.36 7.48 4.94
N PRO B 99 20.28 6.89 4.16
CA PRO B 99 20.47 5.49 3.77
C PRO B 99 21.29 4.60 4.72
N TRP B 100 21.56 5.06 5.94
CA TRP B 100 22.29 4.27 6.95
C TRP B 100 23.67 3.83 6.42
N PHE B 101 23.98 2.53 6.51
CA PHE B 101 25.28 2.00 6.07
C PHE B 101 25.15 1.03 4.88
N ASP B 102 23.98 1.02 4.23
CA ASP B 102 23.69 0.05 3.17
C ASP B 102 24.64 0.13 1.96
N PHE B 103 25.13 1.33 1.70
CA PHE B 103 25.97 1.61 0.52
C PHE B 103 27.46 1.32 0.75
N LEU B 104 27.87 1.12 2.00
CA LEU B 104 29.28 0.96 2.33
C LEU B 104 29.82 -0.41 1.90
N ALA B 105 31.10 -0.44 1.57
CA ALA B 105 31.79 -1.68 1.22
C ALA B 105 31.93 -2.55 2.48
N PRO B 106 31.91 -3.89 2.33
CA PRO B 106 31.93 -4.79 3.48
C PRO B 106 33.07 -4.56 4.47
N ASP B 107 34.26 -4.24 3.97
CA ASP B 107 35.44 -4.10 4.82
C ASP B 107 35.48 -2.80 5.64
N GLU B 108 34.97 -1.71 5.07
CA GLU B 108 34.96 -0.41 5.77
C GLU B 108 33.76 -0.22 6.70
N ALA B 109 32.71 -1.02 6.49
CA ALA B 109 31.42 -0.79 7.16
C ALA B 109 31.45 -0.92 8.69
N PRO B 110 32.06 -2.00 9.24
CA PRO B 110 32.04 -2.18 10.69
C PRO B 110 32.72 -1.06 11.46
N GLY B 111 33.86 -0.57 10.94
CA GLY B 111 34.58 0.53 11.58
C GLY B 111 33.80 1.83 11.58
N ILE B 112 33.10 2.11 10.47
CA ILE B 112 32.29 3.31 10.34
C ILE B 112 31.06 3.22 11.25
N ALA B 113 30.40 2.05 11.27
CA ALA B 113 29.26 1.82 12.16
C ALA B 113 29.68 1.99 13.62
N ASP B 114 30.85 1.47 13.96
CA ASP B 114 31.40 1.59 15.32
CA ASP B 114 31.40 1.58 15.31
C ASP B 114 31.51 3.05 15.75
N ALA B 115 32.11 3.87 14.90
CA ALA B 115 32.32 5.28 15.20
C ALA B 115 31.01 6.05 15.32
N VAL B 116 30.08 5.78 14.41
CA VAL B 116 28.80 6.50 14.39
C VAL B 116 27.97 6.14 15.61
N ASN B 117 27.88 4.86 15.93
CA ASN B 117 27.12 4.40 17.10
C ASN B 117 27.69 4.92 18.41
N ALA B 118 29.02 5.00 18.49
CA ALA B 118 29.70 5.57 19.66
C ALA B 118 29.35 7.06 19.81
N GLU B 119 29.26 7.77 18.69
CA GLU B 119 28.90 9.18 18.73
C GLU B 119 27.45 9.39 19.16
N PHE B 120 26.55 8.52 18.71
CA PHE B 120 25.15 8.58 19.15
C PHE B 120 25.05 8.42 20.67
N SER B 121 25.82 7.48 21.22
CA SER B 121 25.86 7.29 22.67
C SER B 121 26.35 8.55 23.37
N ASP B 122 27.40 9.17 22.81
CA ASP B 122 27.97 10.38 23.39
C ASP B 122 27.00 11.57 23.31
N MET B 123 26.22 11.65 22.23
CA MET B 123 25.21 12.70 22.10
C MET B 123 24.13 12.55 23.17
N CYS B 124 23.68 11.31 23.38
CA CYS B 124 22.68 11.04 24.41
C CYS B 124 23.19 11.39 25.80
N ALA B 125 24.48 11.19 26.01
CA ALA B 125 25.13 11.51 27.30
C ALA B 125 25.14 13.01 27.61
N GLN B 126 24.97 13.85 26.60
CA GLN B 126 24.93 15.30 26.80
C GLN B 126 23.61 15.80 27.39
N HIS B 127 22.56 14.97 27.29
CA HIS B 127 21.26 15.31 27.87
C HIS B 127 20.65 14.07 28.52
N VAL B 128 21.27 13.66 29.63
CA VAL B 128 20.94 12.41 30.32
C VAL B 128 19.45 12.34 30.69
N GLY B 129 18.80 11.25 30.28
CA GLY B 129 17.37 11.05 30.58
C GLY B 129 16.42 11.54 29.50
N ARG B 130 16.91 12.38 28.59
CA ARG B 130 16.10 12.93 27.50
C ARG B 130 16.42 12.34 26.13
N LEU B 131 17.53 11.60 26.03
CA LEU B 131 17.97 11.04 24.75
C LEU B 131 18.39 9.58 24.87
N PHE B 132 17.82 8.74 24.02
CA PHE B 132 18.27 7.37 23.82
C PHE B 132 18.40 7.17 22.31
N PHE B 133 18.90 6.02 21.88
CA PHE B 133 19.04 5.80 20.44
C PHE B 133 18.88 4.34 19.99
N PHE B 134 18.46 4.21 18.73
CA PHE B 134 18.51 2.95 18.02
C PHE B 134 19.80 2.96 17.21
N ALA B 135 20.58 1.88 17.29
CA ALA B 135 21.83 1.77 16.56
C ALA B 135 21.62 1.19 15.16
N ALA B 136 22.45 1.62 14.21
CA ALA B 136 22.45 1.04 12.87
C ALA B 136 23.59 0.03 12.75
N LEU B 137 23.37 -1.01 11.94
CA LEU B 137 24.33 -2.10 11.80
C LEU B 137 25.01 -2.11 10.44
N PRO B 138 26.26 -2.60 10.39
CA PRO B 138 26.98 -2.72 9.12
C PRO B 138 26.52 -3.96 8.34
N LEU B 139 25.33 -3.89 7.74
CA LEU B 139 24.73 -5.05 7.09
C LEU B 139 25.32 -5.44 5.74
N SER B 140 26.23 -4.63 5.22
CA SER B 140 26.97 -4.99 4.02
C SER B 140 28.15 -5.92 4.36
N ALA B 141 28.50 -5.98 5.65
CA ALA B 141 29.59 -6.83 6.12
C ALA B 141 29.09 -8.25 6.40
N PRO B 142 30.03 -9.22 6.49
CA PRO B 142 29.67 -10.59 6.87
C PRO B 142 28.88 -10.69 8.18
N VAL B 143 28.02 -11.69 8.28
CA VAL B 143 27.12 -11.83 9.43
C VAL B 143 27.88 -11.92 10.76
N ASP B 144 29.05 -12.56 10.76
CA ASP B 144 29.90 -12.62 11.96
C ASP B 144 30.33 -11.21 12.42
N ALA B 145 30.61 -10.33 11.45
CA ALA B 145 30.93 -8.94 11.76
C ALA B 145 29.68 -8.20 12.27
N VAL B 146 28.53 -8.51 11.69
CA VAL B 146 27.27 -7.90 12.12
C VAL B 146 26.95 -8.30 13.56
N LYS B 147 27.11 -9.58 13.87
CA LYS B 147 26.86 -10.10 15.22
C LYS B 147 27.80 -9.46 16.25
N ALA B 148 29.05 -9.24 15.86
CA ALA B 148 30.02 -8.57 16.72
C ALA B 148 29.60 -7.13 17.02
N SER B 149 29.11 -6.44 15.99
CA SER B 149 28.61 -5.07 16.13
C SER B 149 27.41 -5.01 17.08
N ILE B 150 26.53 -6.02 16.98
CA ILE B 150 25.35 -6.11 17.85
C ILE B 150 25.76 -6.24 19.32
N GLU B 151 26.73 -7.11 19.60
CA GLU B 151 27.19 -7.31 20.97
C GLU B 151 27.89 -6.06 21.52
N ARG B 152 28.49 -5.27 20.63
CA ARG B 152 29.10 -3.99 21.02
C ARG B 152 28.04 -2.95 21.38
N VAL B 153 27.08 -2.70 20.48
CA VAL B 153 26.12 -1.62 20.68
C VAL B 153 25.19 -1.85 21.87
N LYS B 154 24.91 -3.10 22.22
CA LYS B 154 24.00 -3.39 23.34
C LYS B 154 24.58 -2.89 24.68
N ASN B 155 25.91 -2.78 24.74
CA ASN B 155 26.60 -2.29 25.93
C ASN B 155 26.99 -0.80 25.87
N LEU B 156 26.56 -0.11 24.82
CA LEU B 156 26.69 1.35 24.77
C LEU B 156 25.58 1.95 25.63
N LYS B 157 25.94 2.90 26.48
CA LYS B 157 24.94 3.62 27.27
C LYS B 157 23.91 4.28 26.34
N TYR B 158 22.65 4.23 26.75
CA TYR B 158 21.54 4.90 26.06
C TYR B 158 21.06 4.21 24.77
N CYS B 159 21.71 3.12 24.36
CA CYS B 159 21.22 2.34 23.24
C CYS B 159 20.04 1.50 23.69
N ARG B 160 18.95 1.57 22.93
CA ARG B 160 17.72 0.84 23.27
C ARG B 160 17.11 0.10 22.09
N GLY B 161 17.94 -0.21 21.09
CA GLY B 161 17.49 -1.02 19.97
C GLY B 161 18.31 -0.83 18.71
N ILE B 162 17.76 -1.37 17.62
CA ILE B 162 18.41 -1.38 16.32
C ILE B 162 17.45 -0.74 15.32
N ILE B 163 17.97 0.07 14.41
CA ILE B 163 17.20 0.52 13.26
C ILE B 163 17.65 -0.28 12.04
N LEU B 164 16.66 -0.74 11.26
CA LEU B 164 16.88 -1.69 10.18
C LEU B 164 16.12 -1.18 8.95
N GLY B 165 16.78 -1.19 7.80
CA GLY B 165 16.10 -0.91 6.53
C GLY B 165 15.52 -2.20 5.97
N THR B 166 14.76 -2.09 4.88
CA THR B 166 14.07 -3.25 4.32
C THR B 166 14.94 -4.14 3.43
N SER B 167 16.14 -3.68 3.08
CA SER B 167 17.03 -4.46 2.19
C SER B 167 17.77 -5.59 2.92
N GLY B 168 17.88 -5.49 4.24
CA GLY B 168 18.57 -6.50 5.05
C GLY B 168 20.04 -6.60 4.67
N LEU B 169 20.48 -7.79 4.30
CA LEU B 169 21.84 -8.02 3.81
C LEU B 169 21.95 -7.74 2.31
N GLY B 170 20.84 -7.38 1.67
CA GLY B 170 20.80 -7.11 0.23
C GLY B 170 19.70 -7.85 -0.52
N LYS B 171 19.06 -8.81 0.15
CA LYS B 171 17.99 -9.60 -0.46
C LYS B 171 16.69 -9.59 0.36
N GLY B 172 16.51 -8.55 1.17
CA GLY B 172 15.29 -8.37 1.93
C GLY B 172 15.28 -9.12 3.26
N LEU B 173 14.17 -9.01 3.97
CA LEU B 173 14.06 -9.51 5.34
C LEU B 173 13.66 -10.98 5.44
N ASP B 174 13.33 -11.60 4.31
CA ASP B 174 13.04 -13.04 4.28
C ASP B 174 14.26 -13.86 3.82
N ASP B 175 15.41 -13.19 3.75
CA ASP B 175 16.68 -13.82 3.46
C ASP B 175 17.06 -14.76 4.60
N PRO B 176 17.22 -16.07 4.32
CA PRO B 176 17.61 -17.01 5.38
C PRO B 176 18.91 -16.63 6.12
N HIS B 177 19.83 -16.00 5.39
CA HIS B 177 21.11 -15.56 5.98
C HIS B 177 20.94 -14.49 7.05
N LEU B 178 19.80 -13.80 7.06
CA LEU B 178 19.52 -12.76 8.04
C LEU B 178 19.00 -13.31 9.38
N LEU B 179 18.61 -14.58 9.39
CA LEU B 179 18.04 -15.19 10.61
C LEU B 179 18.94 -15.12 11.85
N PRO B 180 20.24 -15.42 11.70
CA PRO B 180 21.15 -15.26 12.84
C PRO B 180 21.25 -13.84 13.37
N VAL B 181 21.05 -12.84 12.50
CA VAL B 181 21.03 -11.44 12.91
C VAL B 181 19.80 -11.16 13.77
N PHE B 182 18.63 -11.56 13.27
CA PHE B 182 17.38 -11.43 14.05
C PHE B 182 17.50 -12.13 15.41
N GLU B 183 18.06 -13.33 15.41
CA GLU B 183 18.28 -14.08 16.65
C GLU B 183 19.22 -13.35 17.60
N ALA B 184 20.32 -12.82 17.07
CA ALA B 184 21.28 -12.08 17.88
C ALA B 184 20.67 -10.82 18.48
N VAL B 185 19.94 -10.06 17.67
CA VAL B 185 19.27 -8.85 18.15
C VAL B 185 18.20 -9.19 19.19
N ALA B 186 17.43 -10.24 18.93
CA ALA B 186 16.37 -10.66 19.85
C ALA B 186 16.93 -11.17 21.18
N ASP B 187 17.99 -11.96 21.12
CA ASP B 187 18.63 -12.50 22.33
C ASP B 187 19.29 -11.39 23.17
N ALA B 188 19.71 -10.32 22.51
CA ALA B 188 20.26 -9.14 23.20
C ALA B 188 19.15 -8.23 23.76
N LYS B 189 17.89 -8.62 23.59
CA LYS B 189 16.72 -7.86 24.03
C LYS B 189 16.69 -6.44 23.45
N LEU B 190 17.05 -6.33 22.18
CA LEU B 190 17.02 -5.06 21.46
C LEU B 190 15.83 -5.00 20.53
N LEU B 191 15.01 -3.96 20.67
CA LEU B 191 13.90 -3.71 19.76
C LEU B 191 14.44 -3.38 18.37
N VAL B 192 13.80 -3.94 17.34
CA VAL B 192 14.16 -3.62 15.96
C VAL B 192 13.15 -2.60 15.43
N PHE B 193 13.66 -1.44 15.02
CA PHE B 193 12.83 -0.40 14.38
C PHE B 193 13.02 -0.54 12.88
N LEU B 194 11.95 -0.95 12.19
CA LEU B 194 11.99 -1.12 10.73
C LEU B 194 11.52 0.15 10.04
N ALA B 195 12.37 0.69 9.17
CA ALA B 195 12.11 1.96 8.50
C ALA B 195 12.27 1.84 6.98
N PRO B 196 11.45 2.57 6.22
CA PRO B 196 11.54 2.56 4.76
C PRO B 196 12.59 3.53 4.22
N HIS B 197 12.82 3.42 2.91
CA HIS B 197 13.79 4.26 2.20
C HIS B 197 13.74 3.97 0.70
N TYR B 198 13.73 2.69 0.34
CA TYR B 198 13.81 2.25 -1.05
C TYR B 198 12.53 2.48 -1.84
N GLY B 199 11.40 2.62 -1.15
CA GLY B 199 10.11 2.84 -1.79
C GLY B 199 9.79 1.80 -2.86
N LEU B 200 9.13 2.26 -3.92
CA LEU B 200 8.79 1.41 -5.06
C LEU B 200 9.51 1.91 -6.30
N PRO B 201 9.65 1.06 -7.33
CA PRO B 201 10.21 1.53 -8.60
C PRO B 201 9.44 2.74 -9.11
N ASN B 202 10.15 3.81 -9.45
CA ASN B 202 9.51 5.09 -9.73
C ASN B 202 8.52 5.04 -10.90
N GLU B 203 8.69 4.07 -11.80
CA GLU B 203 7.79 3.92 -12.96
C GLU B 203 6.33 3.68 -12.56
N VAL B 204 6.08 3.11 -11.38
CA VAL B 204 4.71 2.84 -10.94
C VAL B 204 3.89 4.12 -10.79
N TYR B 205 4.57 5.25 -10.60
CA TYR B 205 3.87 6.54 -10.41
C TYR B 205 3.50 7.25 -11.71
N GLY B 206 3.97 6.72 -12.85
CA GLY B 206 3.58 7.26 -14.15
C GLY B 206 4.38 8.48 -14.58
N PRO B 207 4.13 8.95 -15.82
CA PRO B 207 4.94 10.01 -16.44
C PRO B 207 4.76 11.43 -15.87
N ARG B 208 3.72 11.64 -15.05
CA ARG B 208 3.44 12.97 -14.49
C ARG B 208 3.87 13.12 -13.02
N SER B 209 4.52 12.10 -12.47
CA SER B 209 4.77 12.05 -11.02
C SER B 209 5.53 13.27 -10.48
N GLU B 210 6.47 13.80 -11.24
CA GLU B 210 7.24 14.98 -10.82
C GLU B 210 6.37 16.22 -10.63
N GLU B 211 5.24 16.29 -11.34
CA GLU B 211 4.29 17.39 -11.17
C GLU B 211 3.67 17.40 -9.77
N TYR B 212 3.68 16.25 -9.09
CA TYR B 212 3.10 16.12 -7.76
C TYR B 212 4.15 16.24 -6.64
N GLY B 213 5.32 16.78 -6.98
CA GLY B 213 6.41 16.89 -6.02
C GLY B 213 6.84 15.51 -5.55
N HIS B 214 7.08 15.37 -4.26
CA HIS B 214 7.46 14.08 -3.68
C HIS B 214 6.29 13.33 -3.04
N VAL B 215 5.06 13.76 -3.33
CA VAL B 215 3.88 13.20 -2.64
C VAL B 215 3.72 11.70 -2.86
N LEU B 216 3.85 11.23 -4.10
CA LEU B 216 3.63 9.80 -4.35
C LEU B 216 4.68 8.88 -3.72
N PRO B 217 5.99 9.16 -3.93
CA PRO B 217 6.96 8.30 -3.25
C PRO B 217 6.91 8.35 -1.72
N LEU B 218 6.64 9.52 -1.16
CA LEU B 218 6.60 9.67 0.31
C LEU B 218 5.28 9.18 0.92
N ALA B 219 4.15 9.54 0.32
CA ALA B 219 2.84 9.15 0.87
C ALA B 219 2.49 7.69 0.59
N LEU B 220 2.94 7.16 -0.54
CA LEU B 220 2.59 5.80 -0.92
C LEU B 220 3.79 4.85 -0.88
N GLY B 221 4.87 5.23 -1.55
CA GLY B 221 6.06 4.37 -1.68
C GLY B 221 6.60 3.85 -0.36
N PHE B 222 6.86 4.77 0.57
CA PHE B 222 7.41 4.41 1.89
C PHE B 222 6.53 3.41 2.67
N PRO B 223 5.25 3.74 2.92
CA PRO B 223 4.43 2.77 3.66
C PRO B 223 4.19 1.44 2.93
N MET B 224 4.15 1.46 1.60
CA MET B 224 3.96 0.23 0.84
C MET B 224 5.21 -0.66 0.92
N GLU B 225 6.38 -0.03 0.87
CA GLU B 225 7.65 -0.74 1.05
C GLU B 225 7.71 -1.47 2.40
N THR B 226 7.34 -0.76 3.47
CA THR B 226 7.30 -1.34 4.80
C THR B 226 6.36 -2.55 4.86
N THR B 227 5.18 -2.39 4.26
CA THR B 227 4.18 -3.47 4.21
C THR B 227 4.72 -4.72 3.52
N ILE B 228 5.31 -4.54 2.34
CA ILE B 228 5.85 -5.67 1.56
C ILE B 228 6.97 -6.37 2.34
N ALA B 229 7.83 -5.58 2.98
CA ALA B 229 8.97 -6.14 3.73
C ALA B 229 8.51 -7.00 4.91
N VAL B 230 7.57 -6.49 5.69
CA VAL B 230 7.05 -7.23 6.86
C VAL B 230 6.22 -8.45 6.44
N ALA B 231 5.44 -8.30 5.37
CA ALA B 231 4.67 -9.44 4.83
C ALA B 231 5.60 -10.58 4.40
N ARG B 232 6.71 -10.22 3.76
CA ARG B 232 7.73 -11.21 3.37
C ARG B 232 8.32 -11.91 4.59
N MET B 233 8.69 -11.12 5.60
CA MET B 233 9.15 -11.65 6.90
C MET B 233 8.17 -12.66 7.46
N TYR B 234 6.90 -12.26 7.48
CA TYR B 234 5.85 -13.08 8.06
C TYR B 234 5.66 -14.38 7.29
N MET B 235 5.54 -14.28 5.97
CA MET B 235 5.35 -15.46 5.11
C MET B 235 6.54 -16.44 5.19
N ALA B 236 7.73 -15.90 5.41
CA ALA B 236 8.94 -16.72 5.53
C ALA B 236 9.05 -17.42 6.89
N GLY B 237 8.19 -17.05 7.83
CA GLY B 237 8.14 -17.69 9.15
C GLY B 237 9.17 -17.15 10.14
N VAL B 238 9.67 -15.93 9.89
CA VAL B 238 10.70 -15.33 10.74
C VAL B 238 10.22 -15.15 12.18
N PHE B 239 8.99 -14.65 12.34
CA PHE B 239 8.41 -14.44 13.66
C PHE B 239 8.21 -15.74 14.43
N ASP B 240 7.99 -16.84 13.70
CA ASP B 240 7.87 -18.18 14.31
C ASP B 240 9.25 -18.75 14.65
N HIS B 241 10.24 -18.49 13.81
CA HIS B 241 11.59 -18.98 14.01
C HIS B 241 12.29 -18.24 15.16
N VAL B 242 11.97 -16.94 15.31
CA VAL B 242 12.56 -16.11 16.35
C VAL B 242 11.44 -15.54 17.22
N ARG B 243 10.96 -16.35 18.17
CA ARG B 243 9.77 -16.00 18.95
C ARG B 243 9.94 -14.85 19.93
N ASN B 244 11.19 -14.55 20.30
CA ASN B 244 11.46 -13.42 21.18
C ASN B 244 11.77 -12.12 20.41
N LEU B 245 11.71 -12.17 19.08
CA LEU B 245 11.92 -10.98 18.26
C LEU B 245 10.76 -10.01 18.43
N GLN B 246 11.09 -8.75 18.68
CA GLN B 246 10.11 -7.68 18.76
C GLN B 246 10.48 -6.61 17.74
N MET B 247 9.50 -6.19 16.93
CA MET B 247 9.74 -5.18 15.90
C MET B 247 8.78 -4.02 15.98
N LEU B 248 9.33 -2.81 15.90
CA LEU B 248 8.55 -1.57 15.80
C LEU B 248 8.50 -1.15 14.34
N LEU B 249 7.29 -0.95 13.80
CA LEU B 249 7.11 -0.62 12.39
C LEU B 249 6.85 0.87 12.18
N ALA B 250 7.60 1.46 11.25
CA ALA B 250 7.43 2.87 10.88
C ALA B 250 6.06 3.13 10.27
N HIS B 251 5.53 4.32 10.52
CA HIS B 251 4.28 4.81 9.93
C HIS B 251 3.10 3.85 10.14
N SER B 252 2.92 3.44 11.39
CA SER B 252 1.84 2.55 11.81
C SER B 252 1.73 1.26 10.99
N GLY B 253 2.88 0.71 10.61
CA GLY B 253 2.94 -0.53 9.85
C GLY B 253 2.78 -0.36 8.35
N GLY B 254 2.86 0.88 7.87
CA GLY B 254 2.71 1.18 6.45
C GLY B 254 1.25 1.14 6.05
N THR B 255 0.78 -0.04 5.66
CA THR B 255 -0.64 -0.28 5.41
C THR B 255 -1.11 -1.58 6.07
N LEU B 256 -0.27 -2.18 6.91
CA LEU B 256 -0.49 -3.53 7.42
C LEU B 256 -1.83 -3.68 8.17
N PRO B 257 -2.17 -2.72 9.05
CA PRO B 257 -3.46 -2.83 9.76
C PRO B 257 -4.66 -2.88 8.82
N PHE B 258 -4.58 -2.19 7.70
CA PHE B 258 -5.66 -2.15 6.73
C PHE B 258 -5.73 -3.42 5.87
N LEU B 259 -4.57 -4.02 5.58
CA LEU B 259 -4.50 -5.18 4.68
C LEU B 259 -4.36 -6.53 5.39
N ALA B 260 -4.27 -6.52 6.73
CA ALA B 260 -4.09 -7.76 7.49
C ALA B 260 -5.18 -8.79 7.20
N GLY B 261 -6.43 -8.35 7.12
CA GLY B 261 -7.54 -9.23 6.78
C GLY B 261 -7.40 -9.84 5.40
N ARG B 262 -7.03 -9.01 4.43
CA ARG B 262 -6.82 -9.46 3.06
C ARG B 262 -5.67 -10.46 2.95
N ILE B 263 -4.57 -10.18 3.65
CA ILE B 263 -3.42 -11.09 3.69
C ILE B 263 -3.86 -12.46 4.19
N GLU B 264 -4.57 -12.49 5.31
CA GLU B 264 -5.08 -13.75 5.87
C GLU B 264 -5.98 -14.52 4.91
N SER B 265 -6.91 -13.82 4.27
CA SER B 265 -7.81 -14.46 3.32
C SER B 265 -7.05 -15.03 2.12
N CYS B 266 -6.06 -14.29 1.63
CA CYS B 266 -5.26 -14.75 0.51
C CYS B 266 -4.43 -15.98 0.87
N ILE B 267 -3.96 -16.05 2.12
CA ILE B 267 -3.21 -17.20 2.61
C ILE B 267 -4.08 -18.46 2.65
N VAL B 268 -5.24 -18.36 3.30
CA VAL B 268 -6.11 -19.54 3.49
C VAL B 268 -6.80 -19.98 2.19
N HIS B 269 -6.80 -19.11 1.18
CA HIS B 269 -7.35 -19.46 -0.14
C HIS B 269 -6.27 -19.70 -1.19
N ASP B 270 -5.02 -19.83 -0.77
CA ASP B 270 -3.93 -20.08 -1.71
C ASP B 270 -3.75 -21.59 -1.91
N GLY B 271 -4.04 -22.05 -3.12
CA GLY B 271 -3.92 -23.47 -3.46
C GLY B 271 -2.53 -24.02 -3.18
N HIS B 272 -1.51 -23.30 -3.64
CA HIS B 272 -0.11 -23.74 -3.48
C HIS B 272 0.28 -23.93 -2.01
N LEU B 273 -0.05 -22.95 -1.17
CA LEU B 273 0.28 -23.03 0.26
C LEU B 273 -0.53 -24.11 0.97
N VAL B 274 -1.84 -24.17 0.70
CA VAL B 274 -2.72 -25.15 1.34
C VAL B 274 -2.31 -26.57 0.97
N LYS B 275 -2.05 -26.82 -0.31
CA LYS B 275 -1.70 -28.16 -0.78
C LYS B 275 -0.27 -28.60 -0.42
N THR B 276 0.58 -27.67 -0.01
CA THR B 276 1.95 -28.00 0.41
C THR B 276 2.14 -27.91 1.93
N GLY B 277 1.02 -27.92 2.66
CA GLY B 277 1.06 -27.96 4.13
C GLY B 277 1.62 -26.73 4.82
N LYS B 278 1.56 -25.58 4.15
CA LYS B 278 2.08 -24.33 4.73
C LYS B 278 0.96 -23.54 5.42
N VAL B 279 -0.26 -24.07 5.40
CA VAL B 279 -1.40 -23.47 6.09
C VAL B 279 -1.99 -24.49 7.07
N PRO B 280 -1.22 -24.91 8.08
CA PRO B 280 -1.75 -25.85 9.06
C PRO B 280 -2.76 -25.17 9.99
N LYS B 281 -3.54 -25.96 10.70
CA LYS B 281 -4.64 -25.44 11.52
C LYS B 281 -4.17 -24.63 12.73
N ASP B 282 -2.94 -24.89 13.18
CA ASP B 282 -2.38 -24.22 14.37
C ASP B 282 -1.44 -23.06 14.03
N ARG B 283 -1.48 -22.58 12.79
CA ARG B 283 -0.61 -21.49 12.36
C ARG B 283 -0.91 -20.21 13.11
N ARG B 284 0.14 -19.46 13.46
CA ARG B 284 -0.02 -18.16 14.10
C ARG B 284 -0.37 -17.15 13.01
N THR B 285 -1.55 -16.54 13.14
CA THR B 285 -2.03 -15.61 12.13
C THR B 285 -1.29 -14.28 12.23
N ILE B 286 -1.47 -13.45 11.21
CA ILE B 286 -0.85 -12.13 11.18
C ILE B 286 -1.43 -11.28 12.33
N TRP B 287 -2.69 -11.53 12.68
CA TRP B 287 -3.32 -10.84 13.81
C TRP B 287 -2.65 -11.18 15.14
N THR B 288 -2.26 -12.44 15.32
CA THR B 288 -1.56 -12.88 16.52
C THR B 288 -0.18 -12.24 16.60
N VAL B 289 0.54 -12.23 15.48
CA VAL B 289 1.87 -11.60 15.42
C VAL B 289 1.77 -10.10 15.70
N LEU B 290 0.72 -9.45 15.17
CA LEU B 290 0.47 -8.03 15.41
C LEU B 290 0.25 -7.68 16.88
N LYS B 291 -0.24 -8.63 17.66
CA LYS B 291 -0.47 -8.45 19.10
C LYS B 291 0.69 -8.92 19.98
N GLU B 292 1.58 -9.76 19.43
CA GLU B 292 2.61 -10.42 20.24
C GLU B 292 4.05 -10.02 19.94
N GLN B 293 4.36 -9.68 18.69
CA GLN B 293 5.73 -9.36 18.29
C GLN B 293 5.90 -8.06 17.50
N ILE B 294 4.81 -7.33 17.28
CA ILE B 294 4.87 -6.08 16.53
C ILE B 294 4.39 -4.91 17.37
N TYR B 295 5.17 -3.83 17.35
CA TYR B 295 4.74 -2.52 17.82
C TYR B 295 4.57 -1.63 16.61
N LEU B 296 3.66 -0.67 16.71
CA LEU B 296 3.41 0.27 15.63
C LEU B 296 3.66 1.68 16.13
N ASP B 297 4.35 2.50 15.35
CA ASP B 297 4.42 3.92 15.69
C ASP B 297 3.07 4.55 15.33
N ALA B 298 2.85 5.78 15.83
CA ALA B 298 1.58 6.48 15.62
C ALA B 298 1.72 7.59 14.58
N VAL B 299 2.69 7.45 13.67
CA VAL B 299 2.95 8.46 12.65
C VAL B 299 2.03 8.16 11.47
N ILE B 300 0.76 8.53 11.63
CA ILE B 300 -0.28 8.16 10.67
C ILE B 300 -1.21 9.33 10.29
N TYR B 301 -1.12 10.44 11.03
CA TYR B 301 -1.71 11.74 10.66
C TYR B 301 -3.24 11.84 10.75
N SER B 302 -3.92 10.73 11.04
CA SER B 302 -5.37 10.73 11.14
C SER B 302 -5.86 9.73 12.17
N GLU B 303 -6.94 10.08 12.86
CA GLU B 303 -7.58 9.16 13.80
C GLU B 303 -8.15 7.92 13.10
N VAL B 304 -8.44 8.04 11.80
CA VAL B 304 -8.94 6.91 11.03
C VAL B 304 -7.89 5.81 10.97
N GLY B 305 -6.70 6.16 10.52
CA GLY B 305 -5.58 5.22 10.47
C GLY B 305 -5.17 4.76 11.86
N LEU B 306 -5.16 5.67 12.83
CA LEU B 306 -4.75 5.33 14.18
C LEU B 306 -5.69 4.33 14.83
N GLN B 307 -6.99 4.49 14.64
CA GLN B 307 -7.97 3.55 15.19
C GLN B 307 -7.77 2.14 14.63
N ALA B 308 -7.45 2.04 13.33
CA ALA B 308 -7.16 0.74 12.72
C ALA B 308 -5.89 0.13 13.32
N ALA B 309 -4.88 0.96 13.55
CA ALA B 309 -3.63 0.51 14.18
C ALA B 309 -3.86 0.01 15.60
N ILE B 310 -4.64 0.77 16.37
CA ILE B 310 -4.97 0.38 17.76
C ILE B 310 -5.77 -0.91 17.80
N ALA B 311 -6.72 -1.07 16.87
CA ALA B 311 -7.51 -2.29 16.76
C ALA B 311 -6.64 -3.50 16.44
N SER B 312 -5.57 -3.27 15.67
CA SER B 312 -4.68 -4.34 15.22
C SER B 312 -3.67 -4.80 16.27
N SER B 313 -3.02 -3.84 16.93
CA SER B 313 -1.94 -4.15 17.88
C SER B 313 -2.27 -3.85 19.34
N GLY B 314 -3.32 -3.06 19.59
CA GLY B 314 -3.70 -2.68 20.94
C GLY B 314 -3.05 -1.38 21.35
N ALA B 315 -3.76 -0.61 22.18
CA ALA B 315 -3.30 0.70 22.62
C ALA B 315 -1.97 0.66 23.39
N ASP B 316 -1.68 -0.50 23.99
CA ASP B 316 -0.42 -0.69 24.73
C ASP B 316 0.78 -0.99 23.82
N ARG B 317 0.55 -1.10 22.51
CA ARG B 317 1.62 -1.38 21.55
C ARG B 317 1.75 -0.31 20.45
N LEU B 318 1.13 0.85 20.68
CA LEU B 318 1.28 2.02 19.80
C LEU B 318 2.20 3.04 20.46
N MET B 319 3.07 3.66 19.67
CA MET B 319 4.06 4.62 20.18
C MET B 319 4.14 5.89 19.33
N PHE B 320 3.96 7.03 19.99
CA PHE B 320 4.06 8.34 19.32
C PHE B 320 5.44 8.57 18.70
N GLY B 321 5.44 9.20 17.52
CA GLY B 321 6.65 9.63 16.85
C GLY B 321 6.36 10.85 15.99
N THR B 322 7.40 11.52 15.50
CA THR B 322 7.25 12.74 14.70
C THR B 322 7.80 12.66 13.28
N ASP B 323 8.71 11.72 13.05
CA ASP B 323 9.48 11.64 11.80
C ASP B 323 10.32 12.91 11.56
N HIS B 324 10.68 13.59 12.66
CA HIS B 324 11.54 14.77 12.59
C HIS B 324 12.89 14.32 12.00
N PRO B 325 13.49 15.13 11.10
CA PRO B 325 13.08 16.45 10.64
C PRO B 325 12.51 16.47 9.22
N PHE B 326 11.83 15.41 8.81
CA PHE B 326 11.48 15.24 7.39
C PHE B 326 10.32 16.10 6.87
N PHE B 327 9.47 16.58 7.76
CA PHE B 327 8.30 17.36 7.34
C PHE B 327 8.21 18.71 8.06
N PRO B 328 9.17 19.61 7.80
CA PRO B 328 9.10 20.94 8.37
C PRO B 328 7.98 21.76 7.75
N PRO B 329 7.47 22.77 8.48
CA PRO B 329 6.50 23.66 7.86
C PRO B 329 7.15 24.39 6.67
N ILE B 330 6.40 24.55 5.58
CA ILE B 330 6.92 25.19 4.38
C ILE B 330 6.85 26.72 4.50
N GLU B 331 5.80 27.22 5.14
CA GLU B 331 5.59 28.66 5.29
C GLU B 331 5.77 29.12 6.74
N GLU B 332 5.23 28.35 7.67
CA GLU B 332 5.30 28.67 9.11
C GLU B 332 6.73 28.59 9.64
N ASP B 333 7.00 29.25 10.76
CA ASP B 333 8.33 29.30 11.37
C ASP B 333 8.85 27.91 11.73
N VAL B 334 10.00 27.54 11.16
CA VAL B 334 10.60 26.22 11.38
C VAL B 334 11.18 26.07 12.80
N GLN B 335 11.39 27.19 13.48
CA GLN B 335 11.86 27.19 14.87
C GLN B 335 10.69 27.17 15.86
N GLY B 336 9.47 27.28 15.35
CA GLY B 336 8.26 27.15 16.18
C GLY B 336 7.73 25.73 16.11
N PRO B 337 6.54 25.48 16.68
CA PRO B 337 5.92 24.15 16.65
C PRO B 337 5.68 23.63 15.24
N TRP B 338 5.86 22.32 15.04
CA TRP B 338 5.70 21.70 13.73
C TRP B 338 4.31 21.10 13.58
N ASP B 339 3.61 21.48 12.51
CA ASP B 339 2.30 20.95 12.17
C ASP B 339 2.34 19.43 12.03
N SER B 340 3.42 18.92 11.42
CA SER B 340 3.58 17.48 11.21
C SER B 340 3.67 16.69 12.52
N SER B 341 4.12 17.35 13.58
CA SER B 341 4.15 16.72 14.91
C SER B 341 2.77 16.78 15.57
N ARG B 342 2.13 17.95 15.52
CA ARG B 342 0.85 18.13 16.22
C ARG B 342 -0.29 17.34 15.56
N LEU B 343 -0.23 17.15 14.25
CA LEU B 343 -1.22 16.33 13.54
C LEU B 343 -1.37 14.95 14.19
N ASN B 344 -0.24 14.33 14.52
CA ASN B 344 -0.25 13.00 15.12
C ASN B 344 -0.70 13.02 16.58
N ALA B 345 -0.30 14.04 17.33
CA ALA B 345 -0.78 14.23 18.69
C ALA B 345 -2.30 14.46 18.71
N GLN B 346 -2.78 15.25 17.76
CA GLN B 346 -4.21 15.50 17.60
C GLN B 346 -4.95 14.21 17.24
N ALA B 347 -4.34 13.38 16.39
CA ALA B 347 -4.92 12.08 16.01
C ALA B 347 -5.11 11.18 17.23
N VAL B 348 -4.12 11.17 18.12
CA VAL B 348 -4.21 10.40 19.36
C VAL B 348 -5.37 10.91 20.22
N ILE B 349 -5.43 12.22 20.40
CA ILE B 349 -6.49 12.86 21.19
C ILE B 349 -7.88 12.53 20.64
N LYS B 350 -8.05 12.66 19.33
CA LYS B 350 -9.33 12.37 18.68
C LYS B 350 -9.70 10.89 18.72
N ALA B 351 -8.70 10.01 18.79
CA ALA B 351 -8.92 8.57 18.79
C ALA B 351 -9.26 7.99 20.17
N VAL B 352 -8.46 8.34 21.19
CA VAL B 352 -8.63 7.76 22.53
C VAL B 352 -8.92 8.77 23.65
N GLY B 353 -9.00 10.05 23.31
CA GLY B 353 -9.38 11.09 24.28
C GLY B 353 -8.21 11.69 25.03
N GLU B 354 -8.18 13.02 25.09
CA GLU B 354 -7.13 13.75 25.80
C GLU B 354 -7.20 13.50 27.31
N GLY B 355 -6.06 13.13 27.89
CA GLY B 355 -5.96 12.88 29.33
C GLY B 355 -6.26 11.46 29.75
N SER B 356 -6.69 10.62 28.80
CA SER B 356 -6.98 9.21 29.07
C SER B 356 -5.68 8.45 29.31
N SER B 357 -5.82 7.26 29.90
CA SER B 357 -4.66 6.38 30.12
C SER B 357 -4.11 5.84 28.79
N ASP B 358 -5.00 5.61 27.83
CA ASP B 358 -4.58 5.20 26.48
C ASP B 358 -3.74 6.29 25.81
N ALA B 359 -4.14 7.54 25.98
CA ALA B 359 -3.40 8.68 25.42
C ALA B 359 -2.00 8.74 26.03
N ALA B 360 -1.93 8.67 27.36
CA ALA B 360 -0.64 8.68 28.07
C ALA B 360 0.24 7.50 27.63
N ALA B 361 -0.39 6.35 27.37
CA ALA B 361 0.33 5.16 26.90
C ALA B 361 0.96 5.41 25.54
N VAL B 362 0.14 5.82 24.57
CA VAL B 362 0.61 6.05 23.21
C VAL B 362 1.64 7.19 23.14
N MET B 363 1.38 8.26 23.88
CA MET B 363 2.24 9.44 23.83
C MET B 363 3.62 9.26 24.46
N GLY B 364 3.82 8.22 25.25
CA GLY B 364 5.15 7.94 25.81
C GLY B 364 5.32 6.79 26.78
N LEU B 365 4.30 6.47 27.57
CA LEU B 365 4.45 5.46 28.62
C LEU B 365 4.69 4.05 28.07
N ASN B 366 4.16 3.75 26.88
CA ASN B 366 4.47 2.49 26.21
C ASN B 366 5.96 2.38 25.91
N ALA B 367 6.53 3.44 25.34
CA ALA B 367 7.96 3.51 25.04
C ALA B 367 8.80 3.42 26.31
N VAL B 368 8.37 4.10 27.37
CA VAL B 368 9.06 4.03 28.66
C VAL B 368 9.12 2.59 29.17
N ARG B 369 7.99 1.88 29.08
CA ARG B 369 7.90 0.49 29.53
C ARG B 369 8.74 -0.44 28.66
N VAL B 370 8.46 -0.42 27.36
CA VAL B 370 9.06 -1.36 26.42
C VAL B 370 10.57 -1.17 26.27
N LEU B 371 11.01 0.10 26.24
CA LEU B 371 12.43 0.41 26.06
C LEU B 371 13.18 0.65 27.37
N SER B 372 12.48 0.55 28.50
CA SER B 372 13.10 0.80 29.81
C SER B 372 13.80 2.15 29.84
N LEU B 373 13.04 3.22 29.68
CA LEU B 373 13.57 4.58 29.64
C LEU B 373 13.56 5.21 31.03
ZN ZN C . -11.32 -7.89 -9.19
ZN ZN D . 11.74 7.76 8.58
#